data_3DB2
#
_entry.id   3DB2
#
_cell.length_a   104.616
_cell.length_b   104.616
_cell.length_c   173.372
_cell.angle_alpha   90.000
_cell.angle_beta   90.000
_cell.angle_gamma   120.000
#
_symmetry.space_group_name_H-M   'P 31 2 1'
#
loop_
_entity.id
_entity.type
_entity.pdbx_description
1 polymer 'putative NADPH-dependent oxidoreductase'
2 non-polymer GLYCEROL
3 water water
#
_entity_poly.entity_id   1
_entity_poly.type   'polypeptide(L)'
_entity_poly.pdbx_seq_one_letter_code
;G(MSE)YNPVGVAAIGLGRWAYV(MSE)ADAYTKSEKLKLVTCYSRTEDKREKFGKRYNCAGDAT(MSE)EALLAREDVE
(MSE)VIITVPNDKHAEVIEQCARSGKHIYVEKPISVSLDHAQRIDQVIKETGVKFLCGHSSRRLGALRK(MSE)KE
(MSE)IDTKEIGEVSSIEAVFSNERGLELKKGNWRGEPATAPGGPLTQLGVHQIDNLQFLLGPVARVFNFGKP(MSE)YT
EVENITVNQTLLEFEDGKQAYLGTNWACPGVFSINVYGTKANLFYQLDFSWWSNSDVTDEHSTLIKREFAS(MSE)SDDP
DNRILRDVKVDFESVDHLRVEVEEVADVIRNGGETEIGAEASLRNLAVVLAAVKSVHEKRPVEIAEIIG
;
_entity_poly.pdbx_strand_id   A,B,C
#
# COMPACT_ATOMS: atom_id res chain seq x y z
N TYR A 3 2.44 -45.18 6.38
CA TYR A 3 3.35 -45.62 5.31
C TYR A 3 4.61 -46.20 5.97
N ASN A 4 5.53 -46.73 5.16
CA ASN A 4 6.76 -47.23 5.83
C ASN A 4 7.57 -45.98 6.16
N PRO A 5 8.12 -45.86 7.36
CA PRO A 5 8.70 -44.56 7.73
C PRO A 5 9.89 -44.24 6.83
N VAL A 6 10.14 -42.95 6.65
CA VAL A 6 11.25 -42.44 5.85
C VAL A 6 12.54 -42.58 6.64
N GLY A 7 13.58 -43.13 6.01
CA GLY A 7 14.92 -43.18 6.56
C GLY A 7 15.61 -41.82 6.57
N VAL A 8 15.99 -41.35 7.77
CA VAL A 8 16.61 -40.05 7.93
C VAL A 8 18.00 -40.17 8.56
N ALA A 9 18.85 -39.20 8.21
CA ALA A 9 20.16 -38.98 8.80
C ALA A 9 20.31 -37.55 9.31
N ALA A 10 20.79 -37.36 10.53
CA ALA A 10 21.10 -36.05 11.05
C ALA A 10 22.55 -35.67 10.75
N ILE A 11 22.73 -34.49 10.23
CA ILE A 11 24.01 -33.93 9.81
C ILE A 11 24.23 -32.60 10.52
N GLY A 12 25.26 -32.58 11.36
CA GLY A 12 25.63 -31.40 12.16
C GLY A 12 25.03 -31.59 13.54
N LEU A 13 25.77 -32.11 14.50
CA LEU A 13 25.20 -32.60 15.74
C LEU A 13 25.56 -31.70 16.93
N GLY A 14 25.20 -30.44 16.74
CA GLY A 14 25.17 -29.36 17.70
C GLY A 14 23.90 -29.48 18.56
N ARG A 15 23.72 -28.52 19.45
CA ARG A 15 22.54 -28.26 20.23
C ARG A 15 21.22 -28.41 19.47
N TRP A 16 21.05 -27.68 18.37
CA TRP A 16 19.76 -27.68 17.70
C TRP A 16 19.34 -29.02 17.12
N ALA A 17 20.32 -29.87 16.84
CA ALA A 17 20.06 -31.17 16.24
C ALA A 17 19.33 -32.04 17.24
N TYR A 18 19.61 -31.80 18.53
CA TYR A 18 18.99 -32.49 19.64
C TYR A 18 17.59 -31.92 19.84
N VAL A 19 17.49 -30.59 19.80
CA VAL A 19 16.14 -29.97 19.87
C VAL A 19 15.28 -30.57 18.78
N ALA A 21 15.64 -33.51 17.08
CA ALA A 21 15.50 -34.95 17.20
C ALA A 21 14.50 -35.31 18.28
N ASP A 22 14.57 -34.61 19.42
CA ASP A 22 13.64 -34.80 20.52
C ASP A 22 12.19 -34.77 19.99
N ALA A 23 11.94 -33.91 19.01
CA ALA A 23 10.62 -33.79 18.43
C ALA A 23 10.34 -34.78 17.32
N TYR A 24 11.23 -34.83 16.32
CA TYR A 24 10.93 -35.63 15.14
C TYR A 24 11.07 -37.11 15.47
N THR A 25 11.85 -37.49 16.50
CA THR A 25 11.96 -38.94 16.67
C THR A 25 10.72 -39.53 17.35
N LYS A 26 9.76 -38.67 17.68
CA LYS A 26 8.47 -39.12 18.19
C LYS A 26 7.58 -39.65 17.07
N SER A 27 8.00 -39.41 15.84
CA SER A 27 7.21 -39.54 14.62
C SER A 27 7.11 -40.97 14.14
N GLU A 28 5.94 -41.35 13.65
CA GLU A 28 5.58 -42.64 13.10
C GLU A 28 6.04 -42.84 11.67
N LYS A 29 6.24 -41.72 11.01
CA LYS A 29 6.61 -41.33 9.69
C LYS A 29 8.11 -41.30 9.40
N LEU A 30 8.92 -41.37 10.44
CA LEU A 30 10.36 -41.22 10.36
C LEU A 30 11.10 -42.35 11.07
N LYS A 31 12.28 -42.70 10.56
CA LYS A 31 13.18 -43.58 11.28
C LYS A 31 14.58 -42.97 11.19
N LEU A 32 15.13 -42.55 12.33
CA LEU A 32 16.49 -42.00 12.32
C LEU A 32 17.49 -43.16 12.23
N VAL A 33 18.21 -43.24 11.14
CA VAL A 33 19.03 -44.41 10.81
C VAL A 33 20.49 -44.19 11.20
N THR A 34 21.02 -43.02 10.87
CA THR A 34 22.40 -42.68 11.20
C THR A 34 22.58 -41.19 11.38
N CYS A 35 23.80 -40.79 11.68
CA CYS A 35 24.17 -39.40 11.83
C CYS A 35 25.62 -39.13 11.42
N TYR A 36 25.94 -37.85 11.29
CA TYR A 36 27.30 -37.41 11.01
C TYR A 36 27.54 -36.00 11.54
N SER A 37 28.68 -35.82 12.17
CA SER A 37 29.35 -34.60 12.55
C SER A 37 30.84 -34.80 12.24
N ARG A 38 31.54 -33.71 12.01
CA ARG A 38 32.99 -33.85 11.79
C ARG A 38 33.68 -34.49 12.98
N THR A 39 33.11 -34.29 14.16
CA THR A 39 33.67 -34.78 15.42
C THR A 39 33.13 -36.12 15.85
N GLU A 40 33.92 -37.19 15.92
CA GLU A 40 33.35 -38.48 16.28
C GLU A 40 32.69 -38.51 17.65
N ASP A 41 33.13 -37.64 18.57
CA ASP A 41 32.55 -37.71 19.93
C ASP A 41 31.09 -37.24 19.85
N LYS A 42 30.86 -36.33 18.93
CA LYS A 42 29.55 -35.75 18.62
C LYS A 42 28.63 -36.86 18.13
N ARG A 43 29.15 -37.69 17.23
CA ARG A 43 28.39 -38.78 16.63
C ARG A 43 28.07 -39.82 17.68
N GLU A 44 29.08 -40.14 18.50
CA GLU A 44 28.83 -41.14 19.55
C GLU A 44 27.76 -40.64 20.49
N LYS A 45 27.79 -39.36 20.84
CA LYS A 45 26.80 -38.84 21.80
C LYS A 45 25.37 -38.89 21.28
N PHE A 46 25.18 -38.36 20.09
CA PHE A 46 23.90 -38.33 19.39
C PHE A 46 23.36 -39.73 19.11
N GLY A 47 24.21 -40.61 18.57
CA GLY A 47 23.85 -41.99 18.35
C GLY A 47 23.42 -42.77 19.58
N LYS A 48 24.09 -42.53 20.69
CA LYS A 48 23.81 -43.16 21.98
C LYS A 48 22.44 -42.71 22.51
N ARG A 49 22.22 -41.40 22.47
CA ARG A 49 20.94 -40.86 22.95
C ARG A 49 19.77 -41.24 22.08
N TYR A 50 19.90 -41.27 20.74
CA TYR A 50 18.72 -41.62 19.96
C TYR A 50 18.75 -43.01 19.35
N ASN A 51 19.62 -43.88 19.84
CA ASN A 51 19.60 -45.27 19.37
C ASN A 51 19.79 -45.31 17.87
N CYS A 52 20.82 -44.62 17.36
CA CYS A 52 21.09 -44.75 15.91
C CYS A 52 22.59 -44.95 15.72
N ALA A 53 23.01 -45.24 14.51
CA ALA A 53 24.42 -45.41 14.17
C ALA A 53 25.03 -44.05 13.85
N GLY A 54 26.33 -44.00 13.71
CA GLY A 54 27.04 -42.80 13.26
C GLY A 54 27.71 -43.23 11.95
N ASP A 55 28.19 -42.32 11.11
CA ASP A 55 29.03 -42.81 10.00
C ASP A 55 30.33 -42.03 10.06
N ALA A 56 31.42 -42.66 9.66
CA ALA A 56 32.77 -42.12 9.70
C ALA A 56 32.95 -40.93 8.79
N THR A 57 32.21 -40.89 7.66
CA THR A 57 32.39 -39.74 6.77
C THR A 57 31.07 -39.42 6.07
N GLU A 59 30.59 -39.33 2.88
CA GLU A 59 30.48 -40.24 1.73
C GLU A 59 29.83 -41.58 2.01
N ALA A 60 30.16 -42.13 3.17
CA ALA A 60 29.72 -43.42 3.68
C ALA A 60 28.24 -43.27 4.02
N LEU A 61 27.92 -42.18 4.72
CA LEU A 61 26.55 -41.84 5.07
C LEU A 61 25.69 -41.80 3.81
N LEU A 62 26.17 -41.07 2.82
CA LEU A 62 25.39 -40.76 1.61
C LEU A 62 25.30 -41.99 0.72
N ALA A 63 26.22 -42.93 0.88
CA ALA A 63 26.21 -44.21 0.21
C ALA A 63 25.16 -45.18 0.76
N ARG A 64 24.58 -44.89 1.93
CA ARG A 64 23.57 -45.84 2.42
C ARG A 64 22.26 -45.73 1.68
N GLU A 65 21.67 -46.86 1.35
CA GLU A 65 20.37 -46.90 0.67
C GLU A 65 19.23 -46.66 1.67
N ASP A 66 19.48 -46.94 2.95
CA ASP A 66 18.43 -46.72 3.94
C ASP A 66 18.33 -45.26 4.36
N VAL A 67 19.26 -44.41 3.94
CA VAL A 67 19.06 -42.97 4.14
C VAL A 67 18.32 -42.40 2.92
N GLU A 68 17.12 -41.92 3.14
CA GLU A 68 16.28 -41.25 2.17
C GLU A 68 16.27 -39.73 2.28
N VAL A 70 17.94 -36.12 4.46
CA VAL A 70 18.88 -35.66 5.51
C VAL A 70 18.31 -34.44 6.21
N ILE A 71 18.62 -34.34 7.48
CA ILE A 71 18.20 -33.28 8.40
C ILE A 71 19.43 -32.49 8.81
N ILE A 72 19.61 -31.36 8.16
CA ILE A 72 20.86 -30.61 8.15
C ILE A 72 20.84 -29.45 9.13
N THR A 73 21.66 -29.57 10.16
CA THR A 73 21.80 -28.56 11.20
C THR A 73 23.28 -28.24 11.36
N VAL A 74 23.88 -27.75 10.28
CA VAL A 74 25.22 -27.20 10.23
C VAL A 74 25.14 -25.67 10.19
N PRO A 75 26.23 -24.99 10.49
CA PRO A 75 26.21 -23.52 10.35
C PRO A 75 25.73 -23.09 8.97
N ASN A 76 25.11 -21.92 8.93
CA ASN A 76 24.53 -21.29 7.77
C ASN A 76 25.54 -21.13 6.63
N ASP A 77 26.80 -21.07 7.02
CA ASP A 77 27.90 -20.84 6.08
C ASP A 77 28.30 -22.16 5.41
N LYS A 78 27.81 -23.26 5.98
CA LYS A 78 28.09 -24.58 5.40
C LYS A 78 26.84 -25.17 4.78
N HIS A 79 25.71 -24.48 4.84
CA HIS A 79 24.49 -25.03 4.27
C HIS A 79 24.64 -25.46 2.80
N ALA A 80 25.26 -24.59 2.00
CA ALA A 80 25.29 -24.82 0.54
C ALA A 80 26.13 -26.02 0.17
N GLU A 81 27.36 -26.11 0.67
CA GLU A 81 28.21 -27.25 0.29
C GLU A 81 27.54 -28.54 0.69
N VAL A 82 27.04 -28.59 1.95
CA VAL A 82 26.45 -29.85 2.42
C VAL A 82 25.21 -30.15 1.61
N ILE A 83 24.42 -29.12 1.29
CA ILE A 83 23.18 -29.41 0.55
C ILE A 83 23.54 -30.00 -0.81
N GLU A 84 24.58 -29.43 -1.41
CA GLU A 84 25.02 -29.82 -2.75
C GLU A 84 25.41 -31.29 -2.73
N GLN A 85 26.32 -31.66 -1.82
CA GLN A 85 26.74 -33.05 -1.70
C GLN A 85 25.59 -34.01 -1.48
N CYS A 86 24.72 -33.67 -0.53
CA CYS A 86 23.57 -34.53 -0.23
C CYS A 86 22.60 -34.65 -1.41
N ALA A 87 22.25 -33.54 -2.04
CA ALA A 87 21.35 -33.59 -3.18
C ALA A 87 21.96 -34.33 -4.37
N ARG A 88 23.23 -34.09 -4.65
CA ARG A 88 23.92 -34.70 -5.77
C ARG A 88 24.00 -36.19 -5.53
N SER A 89 23.82 -36.67 -4.30
CA SER A 89 23.73 -38.09 -4.02
C SER A 89 22.31 -38.60 -3.89
N GLY A 90 21.33 -37.79 -4.28
CA GLY A 90 19.94 -38.21 -4.36
C GLY A 90 19.13 -38.11 -3.09
N LYS A 91 19.70 -37.59 -2.00
CA LYS A 91 18.96 -37.52 -0.75
C LYS A 91 18.05 -36.27 -0.74
N HIS A 92 16.86 -36.45 -0.21
CA HIS A 92 15.96 -35.29 -0.02
C HIS A 92 16.44 -34.48 1.19
N ILE A 93 16.11 -33.19 1.21
CA ILE A 93 16.70 -32.21 2.09
C ILE A 93 15.73 -31.51 3.03
N TYR A 94 15.95 -31.60 4.33
CA TYR A 94 15.53 -30.71 5.37
C TYR A 94 16.78 -29.90 5.75
N VAL A 95 16.68 -28.59 5.71
CA VAL A 95 17.76 -27.76 6.23
C VAL A 95 17.13 -26.70 7.16
N GLU A 96 17.84 -26.36 8.21
CA GLU A 96 17.34 -25.36 9.14
C GLU A 96 17.33 -23.97 8.51
N LYS A 97 16.43 -23.12 9.02
CA LYS A 97 16.33 -21.78 8.50
C LYS A 97 17.62 -20.94 8.78
N PRO A 98 18.28 -19.90 8.24
CA PRO A 98 18.36 -19.12 6.96
C PRO A 98 18.66 -20.21 5.93
N ILE A 99 18.13 -20.13 4.72
CA ILE A 99 18.64 -20.96 3.64
C ILE A 99 20.17 -20.90 3.58
N SER A 100 20.70 -19.72 3.83
CA SER A 100 22.03 -19.27 4.00
C SER A 100 22.05 -17.81 4.46
N VAL A 101 23.21 -17.19 4.50
CA VAL A 101 23.31 -15.76 4.76
C VAL A 101 23.85 -14.99 3.56
N SER A 102 24.41 -15.70 2.58
CA SER A 102 24.93 -15.12 1.36
C SER A 102 23.98 -15.44 0.20
N LEU A 103 23.65 -14.42 -0.57
CA LEU A 103 22.79 -14.63 -1.74
C LEU A 103 23.40 -15.68 -2.66
N ASP A 104 24.72 -15.58 -2.82
CA ASP A 104 25.42 -16.57 -3.66
C ASP A 104 25.07 -17.99 -3.20
N HIS A 105 25.20 -18.28 -1.91
CA HIS A 105 24.95 -19.64 -1.44
C HIS A 105 23.47 -19.98 -1.59
N ALA A 106 22.62 -18.97 -1.38
CA ALA A 106 21.18 -19.22 -1.56
C ALA A 106 20.90 -19.63 -3.00
N GLN A 107 21.49 -18.92 -3.93
CA GLN A 107 21.23 -19.18 -5.37
C GLN A 107 21.81 -20.53 -5.75
N ARG A 108 23.00 -20.85 -5.25
CA ARG A 108 23.58 -22.17 -5.43
C ARG A 108 22.68 -23.29 -4.93
N ILE A 109 22.03 -23.10 -3.78
CA ILE A 109 21.14 -24.12 -3.24
C ILE A 109 19.87 -24.30 -4.06
N ASP A 110 19.30 -23.18 -4.53
CA ASP A 110 18.14 -23.28 -5.41
C ASP A 110 18.52 -24.06 -6.68
N GLN A 111 19.67 -23.73 -7.25
CA GLN A 111 20.13 -24.42 -8.45
C GLN A 111 20.26 -25.91 -8.25
N VAL A 112 21.00 -26.36 -7.23
CA VAL A 112 21.17 -27.82 -7.10
C VAL A 112 19.85 -28.52 -6.87
N ILE A 113 18.90 -27.83 -6.21
CA ILE A 113 17.63 -28.51 -5.93
C ILE A 113 16.85 -28.63 -7.23
N LYS A 114 16.82 -27.56 -8.02
CA LYS A 114 16.23 -27.65 -9.36
C LYS A 114 16.88 -28.75 -10.20
N GLU A 115 18.22 -28.79 -10.16
CA GLU A 115 19.05 -29.68 -10.95
C GLU A 115 18.74 -31.14 -10.66
N THR A 116 18.80 -31.49 -9.38
CA THR A 116 18.65 -32.84 -8.88
C THR A 116 17.23 -33.31 -8.66
N GLY A 117 16.27 -32.42 -8.45
CA GLY A 117 14.91 -32.80 -8.28
C GLY A 117 14.49 -33.35 -6.94
N VAL A 118 15.40 -33.56 -6.00
CA VAL A 118 15.03 -33.99 -4.67
C VAL A 118 14.08 -33.04 -3.95
N LYS A 119 13.30 -33.53 -3.02
CA LYS A 119 12.44 -32.78 -2.12
C LYS A 119 13.26 -31.94 -1.15
N PHE A 120 12.80 -30.71 -0.90
CA PHE A 120 13.52 -29.70 -0.13
C PHE A 120 12.55 -28.87 0.70
N LEU A 121 12.87 -28.76 1.99
CA LEU A 121 12.21 -27.79 2.88
C LEU A 121 13.29 -27.05 3.69
N CYS A 122 13.17 -25.73 3.71
CA CYS A 122 13.94 -24.86 4.57
C CYS A 122 13.04 -24.57 5.79
N GLY A 123 13.45 -25.04 6.96
CA GLY A 123 12.55 -25.05 8.09
C GLY A 123 12.45 -23.67 8.74
N HIS A 124 11.39 -22.95 8.44
CA HIS A 124 10.90 -21.82 9.23
C HIS A 124 9.59 -22.28 9.90
N SER A 125 9.64 -22.72 11.14
CA SER A 125 8.51 -23.45 11.70
C SER A 125 7.47 -22.60 12.38
N SER A 126 7.68 -21.31 12.64
CA SER A 126 6.65 -20.58 13.39
CA SER A 126 6.62 -20.63 13.43
C SER A 126 5.33 -20.57 12.63
N ARG A 127 5.40 -20.60 11.29
CA ARG A 127 4.16 -20.63 10.51
C ARG A 127 3.35 -21.90 10.71
N ARG A 128 3.92 -22.91 11.35
CA ARG A 128 3.24 -24.16 11.60
C ARG A 128 2.47 -24.15 12.92
N LEU A 129 2.73 -23.12 13.74
CA LEU A 129 2.10 -23.09 15.06
C LEU A 129 0.59 -23.07 14.90
N GLY A 130 -0.16 -23.64 15.85
CA GLY A 130 -1.61 -23.58 15.76
C GLY A 130 -2.15 -22.16 15.65
N ALA A 131 -1.54 -21.22 16.35
CA ALA A 131 -1.91 -19.81 16.30
C ALA A 131 -1.72 -19.17 14.93
N LEU A 132 -0.58 -19.46 14.29
CA LEU A 132 -0.33 -18.89 12.96
C LEU A 132 -1.27 -19.46 11.92
N ARG A 133 -1.52 -20.76 11.95
CA ARG A 133 -2.53 -21.37 11.07
CA ARG A 133 -2.53 -21.40 11.11
C ARG A 133 -3.90 -20.80 11.34
N LYS A 134 -4.24 -20.60 12.62
CA LYS A 134 -5.55 -20.01 12.94
C LYS A 134 -5.62 -18.61 12.38
N LYS A 136 -4.05 -17.39 9.84
CA LYS A 136 -4.07 -17.39 8.37
C LYS A 136 -5.48 -17.71 7.91
N GLU A 137 -6.17 -18.54 8.69
CA GLU A 137 -7.54 -18.91 8.29
C GLU A 137 -8.49 -17.74 8.51
N ILE A 139 -7.80 -14.72 8.21
CA ILE A 139 -7.47 -13.72 7.21
C ILE A 139 -8.02 -14.18 5.86
N ASP A 140 -7.77 -15.46 5.60
CA ASP A 140 -8.14 -16.09 4.33
C ASP A 140 -9.65 -16.15 4.15
N THR A 141 -10.37 -16.40 5.23
CA THR A 141 -11.83 -16.41 5.23
C THR A 141 -12.44 -15.05 5.56
N LYS A 142 -11.60 -14.03 5.75
CA LYS A 142 -12.04 -12.67 5.97
C LYS A 142 -13.02 -12.57 7.13
N GLU A 143 -12.87 -13.38 8.15
CA GLU A 143 -13.52 -13.24 9.43
C GLU A 143 -13.19 -11.87 10.00
N ILE A 144 -11.93 -11.48 9.85
CA ILE A 144 -11.52 -10.16 10.34
C ILE A 144 -11.73 -9.09 9.30
N GLY A 145 -12.42 -9.38 8.20
CA GLY A 145 -12.46 -8.45 7.08
C GLY A 145 -11.23 -8.65 6.20
N GLU A 146 -10.76 -7.57 5.64
CA GLU A 146 -9.68 -7.21 4.78
C GLU A 146 -8.53 -6.57 5.59
N VAL A 147 -7.34 -7.11 5.40
CA VAL A 147 -6.17 -6.67 6.11
C VAL A 147 -5.52 -5.48 5.42
N SER A 148 -5.23 -4.47 6.22
CA SER A 148 -4.61 -3.22 5.77
C SER A 148 -3.10 -3.28 6.04
N SER A 149 -2.77 -3.70 7.26
CA SER A 149 -1.37 -3.69 7.70
C SER A 149 -1.15 -4.67 8.85
N ILE A 150 0.10 -5.07 8.99
CA ILE A 150 0.56 -5.94 10.08
C ILE A 150 1.80 -5.34 10.74
N GLU A 151 1.91 -5.59 12.04
CA GLU A 151 3.11 -5.21 12.79
C GLU A 151 3.74 -6.45 13.40
N ALA A 152 5.02 -6.67 13.13
CA ALA A 152 5.68 -7.86 13.69
C ALA A 152 6.92 -7.42 14.47
N VAL A 153 7.20 -8.12 15.56
CA VAL A 153 8.37 -7.82 16.37
C VAL A 153 9.04 -9.12 16.79
N PHE A 154 10.37 -9.17 16.74
CA PHE A 154 11.09 -10.26 17.42
C PHE A 154 12.36 -9.63 18.04
N SER A 155 12.44 -9.70 19.36
CA SER A 155 13.55 -9.08 20.07
C SER A 155 14.09 -9.94 21.21
N ASN A 156 15.34 -9.69 21.59
CA ASN A 156 15.86 -10.24 22.84
C ASN A 156 17.08 -9.38 23.24
N GLU A 157 17.76 -9.81 24.29
CA GLU A 157 18.87 -9.00 24.84
CA GLU A 157 18.86 -9.02 24.86
C GLU A 157 20.25 -9.46 24.36
N ARG A 158 20.30 -10.27 23.31
CA ARG A 158 21.57 -10.76 22.80
C ARG A 158 22.64 -9.70 22.64
N GLY A 159 22.38 -8.53 22.09
CA GLY A 159 23.39 -7.55 21.79
C GLY A 159 23.99 -6.75 22.90
N LEU A 160 23.46 -6.80 24.12
CA LEU A 160 23.99 -6.00 25.20
C LEU A 160 25.32 -6.43 25.77
N GLU A 161 25.62 -7.72 25.90
CA GLU A 161 26.95 -7.98 26.51
C GLU A 161 27.92 -8.51 25.45
N LEU A 162 27.40 -8.60 24.24
CA LEU A 162 28.07 -9.02 23.03
C LEU A 162 29.52 -8.54 23.04
N LYS A 163 30.48 -9.43 22.83
CA LYS A 163 31.87 -8.90 22.84
C LYS A 163 32.15 -8.43 21.42
N LYS A 164 32.71 -7.23 21.26
CA LYS A 164 33.25 -6.83 19.95
C LYS A 164 34.15 -7.96 19.48
N GLY A 165 33.97 -8.51 18.29
CA GLY A 165 34.73 -9.71 17.95
C GLY A 165 33.82 -10.93 17.97
N ASN A 166 32.66 -10.80 18.62
CA ASN A 166 31.59 -11.78 18.58
C ASN A 166 31.16 -12.04 17.14
N TRP A 167 30.69 -13.26 16.85
CA TRP A 167 30.32 -13.62 15.48
C TRP A 167 29.14 -12.79 15.02
N ARG A 168 28.21 -12.55 15.95
CA ARG A 168 27.03 -11.73 15.57
C ARG A 168 27.44 -10.30 15.24
N GLY A 169 28.63 -9.91 15.66
CA GLY A 169 29.35 -8.70 15.37
C GLY A 169 29.73 -8.45 13.93
N GLU A 170 29.66 -9.45 13.06
CA GLU A 170 30.10 -9.31 11.68
C GLU A 170 28.93 -9.26 10.70
N PRO A 171 28.80 -8.25 9.89
CA PRO A 171 27.68 -8.21 8.95
C PRO A 171 27.65 -9.32 7.92
N ALA A 172 28.78 -9.96 7.64
CA ALA A 172 28.83 -11.04 6.66
C ALA A 172 28.09 -12.29 7.17
N THR A 173 28.20 -12.49 8.46
CA THR A 173 27.73 -13.56 9.31
C THR A 173 26.31 -13.31 9.82
N ALA A 174 25.96 -12.05 10.02
CA ALA A 174 24.65 -11.68 10.55
C ALA A 174 24.22 -10.35 9.95
N PRO A 175 23.82 -10.39 8.68
CA PRO A 175 23.36 -9.22 7.94
C PRO A 175 22.20 -8.62 8.72
N GLY A 176 22.23 -7.33 9.00
CA GLY A 176 21.20 -6.71 9.79
C GLY A 176 21.11 -7.07 11.25
N GLY A 177 22.11 -7.73 11.81
CA GLY A 177 22.11 -8.21 13.17
C GLY A 177 20.90 -9.11 13.38
N PRO A 178 20.00 -8.70 14.27
CA PRO A 178 18.85 -9.55 14.59
C PRO A 178 17.93 -9.83 13.40
N LEU A 179 18.06 -9.06 12.34
CA LEU A 179 17.24 -9.16 11.15
C LEU A 179 17.30 -10.57 10.55
N THR A 180 18.48 -11.17 10.62
CA THR A 180 18.69 -12.51 10.09
C THR A 180 18.21 -13.57 11.06
N GLN A 181 18.83 -13.62 12.23
CA GLN A 181 18.59 -14.55 13.31
C GLN A 181 17.12 -14.56 13.71
N LEU A 182 16.60 -13.39 14.08
CA LEU A 182 15.22 -13.26 14.51
C LEU A 182 14.28 -12.89 13.38
N GLY A 183 14.62 -11.82 12.67
CA GLY A 183 13.86 -11.33 11.54
C GLY A 183 13.36 -12.37 10.57
N VAL A 184 14.19 -13.31 10.11
CA VAL A 184 13.75 -14.22 9.04
C VAL A 184 12.56 -15.07 9.46
N HIS A 185 12.40 -15.34 10.73
CA HIS A 185 11.21 -15.97 11.27
C HIS A 185 9.95 -15.17 11.02
N GLN A 186 9.99 -13.86 11.32
CA GLN A 186 8.81 -13.03 11.09
C GLN A 186 8.67 -12.66 9.61
N ILE A 187 9.80 -12.54 8.90
CA ILE A 187 9.67 -12.30 7.44
C ILE A 187 8.92 -13.46 6.79
N ASP A 188 9.21 -14.67 7.21
CA ASP A 188 8.54 -15.85 6.69
C ASP A 188 7.06 -15.80 7.10
N ASN A 189 6.78 -15.48 8.36
CA ASN A 189 5.39 -15.39 8.80
C ASN A 189 4.66 -14.35 7.97
N LEU A 190 5.30 -13.21 7.71
CA LEU A 190 4.64 -12.14 6.97
C LEU A 190 4.28 -12.57 5.55
N GLN A 191 5.21 -13.27 4.92
CA GLN A 191 4.92 -13.72 3.53
C GLN A 191 4.03 -14.95 3.59
N PHE A 192 4.00 -15.67 4.72
CA PHE A 192 2.98 -16.73 4.80
C PHE A 192 1.59 -16.12 4.91
N LEU A 193 1.45 -15.06 5.69
CA LEU A 193 0.13 -14.48 5.94
C LEU A 193 -0.37 -13.59 4.80
N LEU A 194 0.49 -12.85 4.14
CA LEU A 194 0.15 -11.84 3.16
C LEU A 194 0.80 -11.97 1.79
N GLY A 195 1.61 -13.01 1.54
CA GLY A 195 2.19 -13.09 0.20
C GLY A 195 3.51 -12.39 0.04
N PRO A 196 4.03 -12.35 -1.18
CA PRO A 196 5.37 -11.86 -1.47
C PRO A 196 5.51 -10.36 -1.27
N VAL A 197 6.61 -9.99 -0.62
CA VAL A 197 6.99 -8.60 -0.42
C VAL A 197 7.50 -8.03 -1.73
N ALA A 198 7.15 -6.81 -2.07
CA ALA A 198 7.69 -6.16 -3.25
C ALA A 198 8.84 -5.21 -3.00
N ARG A 199 8.83 -4.48 -1.89
CA ARG A 199 9.89 -3.54 -1.58
C ARG A 199 10.01 -3.34 -0.07
N VAL A 200 11.19 -2.87 0.34
CA VAL A 200 11.53 -2.74 1.76
C VAL A 200 12.14 -1.39 2.07
N PHE A 201 11.90 -0.81 3.24
CA PHE A 201 12.70 0.29 3.75
C PHE A 201 13.21 -0.03 5.16
N ASN A 202 14.42 0.42 5.52
CA ASN A 202 14.86 0.07 6.87
C ASN A 202 15.74 1.19 7.43
N PHE A 203 15.53 1.49 8.71
CA PHE A 203 16.38 2.23 9.61
C PHE A 203 17.03 1.24 10.57
N GLY A 204 18.35 1.24 10.72
CA GLY A 204 18.97 0.32 11.64
C GLY A 204 20.41 0.70 11.98
N LYS A 205 20.84 0.39 13.19
CA LYS A 205 22.23 0.70 13.55
C LYS A 205 22.68 -0.05 14.79
N PRO A 206 23.96 0.01 15.17
CA PRO A 206 24.35 -0.55 16.45
C PRO A 206 23.73 0.30 17.55
N TYR A 208 23.74 0.34 22.05
CA TYR A 208 24.05 -0.22 23.38
C TYR A 208 24.83 -1.53 23.26
N THR A 209 25.79 -1.53 22.34
CA THR A 209 26.56 -2.74 22.02
C THR A 209 28.03 -2.41 21.76
N GLU A 210 28.91 -3.37 22.00
CA GLU A 210 30.33 -3.13 21.69
C GLU A 210 30.62 -3.57 20.26
N VAL A 211 29.66 -4.27 19.62
CA VAL A 211 29.92 -4.71 18.25
C VAL A 211 29.66 -3.63 17.22
N GLU A 212 30.32 -3.78 16.06
CA GLU A 212 30.19 -2.77 15.01
C GLU A 212 29.33 -3.35 13.88
N ASN A 213 28.14 -3.76 14.27
CA ASN A 213 27.11 -4.29 13.38
C ASN A 213 25.76 -3.77 13.85
N ILE A 214 24.75 -3.82 13.00
CA ILE A 214 23.41 -3.41 13.47
C ILE A 214 22.86 -4.26 14.59
N THR A 215 22.27 -3.66 15.63
CA THR A 215 21.57 -4.51 16.60
C THR A 215 20.10 -4.11 16.82
N VAL A 216 19.66 -3.07 16.15
CA VAL A 216 18.28 -2.60 16.22
C VAL A 216 17.84 -2.22 14.79
N ASN A 217 16.63 -2.66 14.40
CA ASN A 217 16.08 -2.34 13.10
C ASN A 217 14.56 -2.14 13.23
N GLN A 218 14.04 -1.15 12.53
CA GLN A 218 12.66 -0.94 12.17
C GLN A 218 12.56 -0.98 10.64
N THR A 219 11.84 -1.98 10.15
CA THR A 219 11.73 -2.27 8.72
C THR A 219 10.29 -2.08 8.25
N LEU A 220 10.09 -1.37 7.14
CA LEU A 220 8.81 -1.26 6.48
C LEU A 220 8.78 -2.11 5.21
N LEU A 221 7.66 -2.76 4.97
CA LEU A 221 7.48 -3.62 3.81
CA LEU A 221 7.49 -3.61 3.80
C LEU A 221 6.21 -3.17 3.09
N GLU A 222 6.25 -3.30 1.76
CA GLU A 222 5.12 -3.11 0.87
C GLU A 222 5.00 -4.41 0.07
N PHE A 223 3.81 -5.01 0.11
CA PHE A 223 3.52 -6.29 -0.49
C PHE A 223 3.07 -6.11 -1.93
N GLU A 224 3.10 -7.20 -2.69
CA GLU A 224 2.73 -7.12 -4.11
C GLU A 224 1.31 -6.66 -4.30
N ASP A 225 0.36 -7.02 -3.43
CA ASP A 225 -0.98 -6.47 -3.62
C ASP A 225 -1.19 -5.11 -2.96
N GLY A 226 -0.18 -4.42 -2.46
CA GLY A 226 -0.50 -3.14 -1.83
C GLY A 226 -0.62 -3.15 -0.32
N LYS A 227 -0.77 -4.31 0.31
CA LYS A 227 -0.84 -4.35 1.76
C LYS A 227 0.50 -3.95 2.37
N GLN A 228 0.55 -3.72 3.68
CA GLN A 228 1.79 -3.18 4.23
C GLN A 228 2.21 -3.86 5.51
N ALA A 229 3.50 -3.80 5.88
CA ALA A 229 3.87 -4.39 7.18
C ALA A 229 5.09 -3.65 7.75
N TYR A 230 5.12 -3.65 9.08
CA TYR A 230 6.20 -3.20 9.92
C TYR A 230 6.81 -4.42 10.62
N LEU A 231 8.14 -4.47 10.66
CA LEU A 231 8.84 -5.49 11.44
C LEU A 231 9.91 -4.87 12.32
N GLY A 232 9.80 -5.09 13.63
CA GLY A 232 10.81 -4.58 14.56
C GLY A 232 11.73 -5.74 14.93
N THR A 233 13.05 -5.57 14.77
CA THR A 233 14.00 -6.58 15.21
C THR A 233 15.00 -5.85 16.13
N ASN A 234 15.24 -6.40 17.30
CA ASN A 234 15.99 -5.69 18.32
C ASN A 234 16.78 -6.67 19.20
N TRP A 235 18.07 -6.39 19.34
CA TRP A 235 18.97 -7.20 20.16
C TRP A 235 19.38 -6.45 21.41
N ALA A 236 18.55 -5.50 21.82
CA ALA A 236 18.80 -4.58 22.92
C ALA A 236 17.70 -4.41 23.96
N CYS A 237 16.84 -5.40 24.16
CA CYS A 237 15.75 -5.33 25.10
C CYS A 237 15.28 -6.71 25.51
N PRO A 238 14.51 -6.82 26.59
CA PRO A 238 13.94 -8.12 26.95
C PRO A 238 13.13 -8.74 25.82
N GLY A 239 13.03 -10.04 25.74
CA GLY A 239 12.32 -10.70 24.67
C GLY A 239 10.85 -10.34 24.46
N VAL A 240 10.46 -10.17 23.21
CA VAL A 240 9.18 -9.97 22.62
C VAL A 240 9.13 -10.80 21.34
N PHE A 241 8.01 -11.48 21.15
CA PHE A 241 7.66 -12.10 19.88
C PHE A 241 6.17 -11.74 19.67
N SER A 242 5.88 -10.87 18.74
CA SER A 242 4.48 -10.45 18.60
C SER A 242 4.10 -10.18 17.13
N ILE A 243 2.81 -10.28 16.89
CA ILE A 243 2.21 -10.02 15.58
C ILE A 243 0.86 -9.37 15.82
N ASN A 244 0.71 -8.19 15.25
CA ASN A 244 -0.57 -7.47 15.23
C ASN A 244 -1.02 -7.35 13.77
N VAL A 245 -2.26 -7.75 13.54
CA VAL A 245 -2.91 -7.69 12.23
C VAL A 245 -4.12 -6.77 12.30
N TYR A 246 -4.20 -5.82 11.39
CA TYR A 246 -5.33 -4.88 11.39
C TYR A 246 -6.27 -5.21 10.23
N GLY A 247 -7.50 -5.56 10.56
CA GLY A 247 -8.52 -5.91 9.59
C GLY A 247 -9.64 -4.90 9.62
N THR A 248 -10.46 -4.86 8.56
CA THR A 248 -11.56 -3.90 8.54
C THR A 248 -12.67 -4.28 9.53
N LYS A 249 -12.81 -5.53 9.94
CA LYS A 249 -13.83 -5.83 10.94
C LYS A 249 -13.24 -6.25 12.28
N ALA A 250 -11.99 -6.70 12.31
CA ALA A 250 -11.42 -7.04 13.61
C ALA A 250 -9.89 -6.91 13.56
N ASN A 251 -9.30 -6.80 14.74
CA ASN A 251 -7.82 -6.80 14.82
C ASN A 251 -7.41 -8.05 15.58
N LEU A 252 -6.22 -8.56 15.29
CA LEU A 252 -5.68 -9.72 15.98
C LEU A 252 -4.35 -9.32 16.63
N PHE A 253 -4.21 -9.68 17.87
CA PHE A 253 -3.03 -9.41 18.69
C PHE A 253 -2.46 -10.73 19.17
N TYR A 254 -1.29 -11.12 18.64
CA TYR A 254 -0.64 -12.34 19.10
C TYR A 254 0.64 -12.03 19.85
N GLN A 255 0.89 -12.77 20.91
CA GLN A 255 2.17 -12.71 21.63
C GLN A 255 2.60 -14.15 21.91
N LEU A 256 3.88 -14.41 21.80
CA LEU A 256 4.46 -15.72 22.09
C LEU A 256 5.64 -15.58 23.05
N ASP A 257 5.71 -16.51 23.99
CA ASP A 257 6.85 -16.66 24.90
C ASP A 257 7.82 -17.65 24.25
N PHE A 258 8.79 -17.14 23.53
CA PHE A 258 9.81 -17.83 22.80
C PHE A 258 10.59 -18.80 23.67
N SER A 259 10.56 -18.64 25.00
CA SER A 259 11.32 -19.51 25.87
C SER A 259 10.78 -20.93 25.77
N TRP A 260 9.57 -21.10 25.29
CA TRP A 260 8.92 -22.40 25.12
C TRP A 260 9.02 -22.92 23.70
N TRP A 261 9.78 -22.21 22.86
CA TRP A 261 10.01 -22.60 21.47
C TRP A 261 10.48 -24.03 21.30
N SER A 262 11.50 -24.46 22.05
CA SER A 262 12.02 -25.82 21.86
C SER A 262 11.19 -26.97 22.42
N ASN A 263 10.29 -26.68 23.37
CA ASN A 263 9.27 -27.63 23.79
C ASN A 263 8.09 -27.54 22.81
N SER A 264 8.36 -27.95 21.58
CA SER A 264 7.69 -27.68 20.33
C SER A 264 6.26 -28.22 20.38
N ASP A 265 6.01 -29.27 21.15
CA ASP A 265 4.67 -29.84 21.21
C ASP A 265 3.79 -29.05 22.16
N VAL A 266 4.34 -28.14 22.98
CA VAL A 266 3.43 -27.30 23.76
C VAL A 266 3.75 -25.81 23.65
N THR A 267 4.53 -25.44 22.66
CA THR A 267 4.83 -24.03 22.41
C THR A 267 3.56 -23.20 22.30
N ASP A 268 2.57 -23.71 21.56
CA ASP A 268 1.35 -22.94 21.36
C ASP A 268 0.69 -22.61 22.69
N GLU A 269 0.89 -23.45 23.71
CA GLU A 269 0.26 -23.19 25.00
C GLU A 269 0.82 -21.97 25.74
N HIS A 270 1.99 -21.49 25.35
CA HIS A 270 2.59 -20.31 25.97
C HIS A 270 2.54 -19.11 25.04
N SER A 271 1.38 -18.97 24.42
CA SER A 271 1.07 -17.85 23.52
C SER A 271 -0.39 -17.43 23.76
N THR A 272 -0.72 -16.23 23.30
CA THR A 272 -2.11 -15.78 23.36
CA THR A 272 -2.05 -15.67 23.38
C THR A 272 -2.44 -15.06 22.05
N LEU A 273 -3.68 -15.31 21.62
CA LEU A 273 -4.23 -14.68 20.43
C LEU A 273 -5.55 -14.05 20.87
N ILE A 274 -5.68 -12.77 20.64
CA ILE A 274 -6.85 -11.97 20.98
C ILE A 274 -7.42 -11.30 19.71
N LYS A 275 -8.73 -11.33 19.60
CA LYS A 275 -9.54 -10.70 18.57
C LYS A 275 -10.22 -9.47 19.20
N ARG A 276 -9.94 -8.31 18.66
CA ARG A 276 -10.59 -7.08 19.06
C ARG A 276 -11.65 -6.81 17.96
N GLU A 277 -12.91 -6.81 18.36
CA GLU A 277 -13.94 -6.61 17.35
C GLU A 277 -15.07 -5.73 17.88
N PHE A 278 -15.85 -5.21 16.94
CA PHE A 278 -17.09 -4.49 17.21
C PHE A 278 -18.05 -5.43 17.93
N ALA A 279 -18.56 -5.05 19.08
CA ALA A 279 -19.42 -6.00 19.80
C ALA A 279 -20.67 -6.34 18.98
N SER A 280 -21.05 -5.41 18.14
CA SER A 280 -22.11 -5.38 17.15
C SER A 280 -22.10 -4.06 16.37
N ASN A 287 -20.21 -0.37 15.35
CA ASN A 287 -19.16 0.63 15.40
C ASN A 287 -19.27 1.58 16.60
N ARG A 288 -19.92 1.15 17.67
CA ARG A 288 -19.99 1.95 18.89
C ARG A 288 -19.25 1.30 20.06
N ILE A 289 -19.18 -0.03 20.12
CA ILE A 289 -18.40 -0.64 21.20
C ILE A 289 -17.61 -1.84 20.69
N LEU A 290 -16.43 -2.01 21.28
CA LEU A 290 -15.42 -2.99 20.95
C LEU A 290 -15.33 -4.06 22.04
N ARG A 291 -15.04 -5.31 21.73
CA ARG A 291 -14.69 -6.22 22.81
C ARG A 291 -13.44 -6.99 22.34
N ASP A 292 -12.66 -7.43 23.29
CA ASP A 292 -11.48 -8.26 23.03
C ASP A 292 -11.86 -9.69 23.40
N VAL A 293 -11.68 -10.61 22.46
CA VAL A 293 -12.08 -12.00 22.66
C VAL A 293 -10.84 -12.87 22.63
N LYS A 294 -10.69 -13.85 23.51
CA LYS A 294 -9.53 -14.73 23.37
C LYS A 294 -9.86 -15.78 22.33
N VAL A 295 -8.97 -16.04 21.38
CA VAL A 295 -9.18 -17.06 20.36
C VAL A 295 -8.42 -18.33 20.76
N ASP A 296 -9.12 -19.46 20.65
CA ASP A 296 -8.56 -20.78 20.92
C ASP A 296 -8.07 -21.45 19.64
N PHE A 297 -7.10 -22.34 19.78
CA PHE A 297 -6.50 -23.05 18.66
C PHE A 297 -5.84 -24.30 19.24
N GLU A 298 -5.73 -25.35 18.44
CA GLU A 298 -5.07 -26.55 19.00
C GLU A 298 -3.57 -26.29 18.92
N SER A 299 -2.77 -27.02 19.69
CA SER A 299 -1.31 -26.90 19.57
C SER A 299 -0.82 -27.70 18.37
N VAL A 300 0.29 -27.24 17.79
CA VAL A 300 0.92 -27.97 16.69
C VAL A 300 2.38 -28.18 17.05
N ASP A 301 2.88 -29.40 17.07
CA ASP A 301 4.33 -29.58 17.26
C ASP A 301 5.03 -29.06 16.01
N HIS A 302 5.45 -27.79 16.05
CA HIS A 302 5.94 -27.10 14.87
C HIS A 302 7.25 -27.68 14.34
N LEU A 303 8.11 -28.23 15.19
CA LEU A 303 9.34 -28.87 14.69
C LEU A 303 9.11 -30.26 14.12
N ARG A 304 8.27 -31.08 14.75
CA ARG A 304 7.96 -32.38 14.22
C ARG A 304 7.30 -32.38 12.85
N VAL A 305 6.27 -31.53 12.74
CA VAL A 305 5.38 -31.42 11.61
C VAL A 305 6.15 -30.99 10.38
N GLU A 306 7.18 -30.15 10.57
CA GLU A 306 7.93 -29.68 9.39
C GLU A 306 8.78 -30.83 8.87
N VAL A 307 9.43 -31.61 9.76
CA VAL A 307 10.19 -32.74 9.23
C VAL A 307 9.28 -33.80 8.62
N GLU A 308 8.08 -33.99 9.21
CA GLU A 308 7.13 -34.94 8.70
C GLU A 308 6.53 -34.53 7.34
N GLU A 309 6.46 -33.25 7.07
CA GLU A 309 6.04 -32.77 5.76
C GLU A 309 6.93 -33.30 4.64
N VAL A 310 8.24 -33.28 4.90
CA VAL A 310 9.20 -33.78 3.91
C VAL A 310 8.98 -35.26 3.63
N ALA A 311 8.73 -36.04 4.66
CA ALA A 311 8.57 -37.48 4.53
C ALA A 311 7.29 -37.78 3.73
N ASP A 312 6.32 -36.91 3.96
CA ASP A 312 5.02 -36.92 3.29
C ASP A 312 5.19 -36.70 1.80
N VAL A 313 5.89 -35.63 1.41
CA VAL A 313 6.15 -35.36 0.01
C VAL A 313 7.04 -36.43 -0.59
N ILE A 314 7.89 -37.10 0.19
CA ILE A 314 8.70 -38.16 -0.42
C ILE A 314 7.82 -39.38 -0.68
N ARG A 315 6.90 -39.68 0.25
CA ARG A 315 6.09 -40.88 0.11
C ARG A 315 4.87 -40.67 -0.78
N ASN A 316 4.25 -39.50 -0.69
CA ASN A 316 2.98 -39.15 -1.29
C ASN A 316 3.11 -38.20 -2.48
N GLY A 317 4.33 -37.79 -2.80
CA GLY A 317 4.56 -36.83 -3.86
C GLY A 317 4.04 -35.45 -3.46
N GLY A 318 4.49 -34.43 -4.21
CA GLY A 318 4.05 -33.07 -3.87
C GLY A 318 5.29 -32.23 -3.52
N GLU A 319 5.03 -30.99 -3.14
CA GLU A 319 6.07 -30.03 -2.81
C GLU A 319 5.92 -29.60 -1.36
N THR A 320 7.01 -29.30 -0.66
CA THR A 320 6.80 -28.84 0.72
C THR A 320 6.35 -27.39 0.70
N GLU A 321 5.92 -26.89 1.86
CA GLU A 321 5.47 -25.50 1.93
C GLU A 321 6.56 -24.48 1.70
N ILE A 322 7.83 -24.79 2.05
CA ILE A 322 8.84 -23.74 1.86
C ILE A 322 10.09 -24.21 1.13
N GLY A 323 10.10 -24.00 -0.19
CA GLY A 323 11.20 -24.44 -1.03
C GLY A 323 12.26 -23.35 -1.15
N ALA A 324 13.25 -23.63 -1.98
CA ALA A 324 14.46 -22.81 -2.12
C ALA A 324 14.13 -21.45 -2.66
N GLU A 325 13.09 -21.29 -3.49
CA GLU A 325 12.78 -19.92 -3.93
C GLU A 325 12.16 -19.10 -2.80
N ALA A 326 11.11 -19.64 -2.23
CA ALA A 326 10.41 -19.10 -1.07
C ALA A 326 11.42 -18.75 0.02
N SER A 327 12.36 -19.66 0.29
CA SER A 327 13.36 -19.44 1.32
C SER A 327 14.31 -18.34 0.88
N LEU A 328 14.72 -18.39 -0.38
CA LEU A 328 15.60 -17.35 -0.92
C LEU A 328 14.91 -15.99 -0.80
N ARG A 329 13.63 -15.84 -1.10
CA ARG A 329 13.02 -14.53 -0.94
C ARG A 329 12.92 -14.06 0.51
N ASN A 330 12.91 -14.96 1.49
CA ASN A 330 12.96 -14.46 2.87
C ASN A 330 14.28 -13.72 3.06
N LEU A 331 15.38 -14.37 2.68
CA LEU A 331 16.72 -13.83 2.83
C LEU A 331 16.87 -12.53 2.03
N ALA A 332 16.30 -12.50 0.84
CA ALA A 332 16.23 -11.31 0.02
C ALA A 332 15.63 -10.12 0.77
N VAL A 333 14.63 -10.37 1.61
CA VAL A 333 14.08 -9.24 2.36
C VAL A 333 15.18 -8.69 3.26
N VAL A 334 15.90 -9.57 3.95
CA VAL A 334 16.99 -9.10 4.81
C VAL A 334 18.04 -8.28 4.06
N LEU A 335 18.55 -8.83 2.96
CA LEU A 335 19.54 -8.16 2.15
C LEU A 335 19.04 -6.83 1.62
N ALA A 336 17.75 -6.73 1.33
CA ALA A 336 17.22 -5.43 0.86
C ALA A 336 17.21 -4.41 1.99
N ALA A 337 16.79 -4.86 3.18
CA ALA A 337 16.82 -3.95 4.33
C ALA A 337 18.26 -3.50 4.56
N VAL A 338 19.23 -4.40 4.39
CA VAL A 338 20.62 -4.00 4.61
C VAL A 338 21.04 -2.93 3.60
N LYS A 339 20.68 -3.16 2.35
CA LYS A 339 20.90 -2.21 1.26
C LYS A 339 20.20 -0.88 1.49
N SER A 340 18.96 -0.92 1.97
CA SER A 340 18.26 0.35 2.25
C SER A 340 18.98 1.16 3.30
N VAL A 341 19.58 0.56 4.34
CA VAL A 341 20.33 1.38 5.28
C VAL A 341 21.51 2.08 4.59
N HIS A 342 22.24 1.31 3.79
CA HIS A 342 23.50 1.85 3.25
C HIS A 342 23.19 2.81 2.11
N GLU A 343 22.23 2.49 1.26
CA GLU A 343 21.89 3.47 0.23
C GLU A 343 20.91 4.52 0.69
N LYS A 344 20.41 4.45 1.93
CA LYS A 344 19.50 5.51 2.38
C LYS A 344 18.26 5.62 1.48
N ARG A 345 17.73 4.49 1.06
CA ARG A 345 16.62 4.44 0.14
C ARG A 345 15.79 3.18 0.34
N PRO A 346 14.56 3.19 -0.15
CA PRO A 346 13.75 1.97 -0.26
C PRO A 346 14.26 1.12 -1.42
N VAL A 347 14.20 -0.20 -1.26
CA VAL A 347 14.77 -1.16 -2.19
C VAL A 347 13.75 -2.17 -2.64
N GLU A 348 13.67 -2.42 -3.93
CA GLU A 348 12.72 -3.41 -4.46
C GLU A 348 13.31 -4.81 -4.28
N ILE A 349 12.45 -5.80 -4.04
CA ILE A 349 12.89 -7.18 -3.89
C ILE A 349 13.58 -7.67 -5.16
N ALA A 350 13.05 -7.28 -6.32
CA ALA A 350 13.66 -7.76 -7.58
C ALA A 350 15.05 -7.18 -7.74
N GLU A 351 15.38 -6.07 -7.08
CA GLU A 351 16.72 -5.55 -7.18
C GLU A 351 17.70 -6.63 -6.70
N ILE A 352 17.29 -7.38 -5.68
CA ILE A 352 18.20 -8.34 -5.06
C ILE A 352 18.16 -9.68 -5.78
N ILE A 353 16.98 -10.18 -6.10
CA ILE A 353 16.95 -11.46 -6.83
C ILE A 353 17.48 -11.25 -8.24
N GLY A 354 16.81 -10.35 -8.93
CA GLY A 354 16.89 -9.86 -10.28
C GLY A 354 18.23 -9.32 -10.75
N TYR B 3 -6.04 33.83 42.45
CA TYR B 3 -6.21 35.13 41.85
C TYR B 3 -7.49 35.18 41.02
N ASN B 4 -7.82 36.38 40.55
CA ASN B 4 -9.01 36.54 39.71
C ASN B 4 -8.88 35.62 38.50
N PRO B 5 -9.69 34.56 38.49
CA PRO B 5 -9.73 33.58 37.42
C PRO B 5 -9.68 34.18 36.02
N VAL B 6 -8.97 33.53 35.08
CA VAL B 6 -8.83 34.13 33.76
C VAL B 6 -10.16 34.11 33.01
N GLY B 7 -10.49 35.28 32.45
CA GLY B 7 -11.58 35.46 31.49
C GLY B 7 -11.15 34.70 30.24
N VAL B 8 -12.00 33.79 29.78
CA VAL B 8 -11.74 33.08 28.54
C VAL B 8 -12.96 33.11 27.63
N ALA B 9 -12.74 33.04 26.33
CA ALA B 9 -13.89 32.89 25.41
C ALA B 9 -13.55 31.81 24.40
N ALA B 10 -14.59 31.14 23.91
CA ALA B 10 -14.50 30.01 23.01
C ALA B 10 -14.90 30.38 21.60
N ILE B 11 -14.04 30.01 20.65
CA ILE B 11 -14.25 30.35 19.25
C ILE B 11 -14.30 29.08 18.43
N GLY B 12 -15.32 28.93 17.58
CA GLY B 12 -15.58 27.65 16.91
C GLY B 12 -16.35 26.83 17.96
N LEU B 13 -17.67 26.68 17.74
CA LEU B 13 -18.47 26.01 18.77
C LEU B 13 -19.06 24.75 18.14
N GLY B 14 -18.18 24.01 17.48
CA GLY B 14 -18.43 22.69 16.94
C GLY B 14 -18.38 21.64 18.05
N ARG B 15 -18.25 20.38 17.64
CA ARG B 15 -18.20 19.23 18.53
C ARG B 15 -17.23 19.40 19.69
N TRP B 16 -15.96 19.52 19.35
CA TRP B 16 -14.85 19.51 20.31
C TRP B 16 -14.96 20.70 21.27
N ALA B 17 -15.59 21.79 20.83
CA ALA B 17 -15.73 22.93 21.71
C ALA B 17 -16.51 22.57 22.96
N TYR B 18 -17.44 21.62 22.85
CA TYR B 18 -18.24 21.25 24.02
C TYR B 18 -17.38 20.35 24.91
N VAL B 19 -16.59 19.50 24.25
CA VAL B 19 -15.72 18.58 24.99
C VAL B 19 -14.81 19.38 25.92
N ALA B 21 -15.04 22.61 27.01
CA ALA B 21 -15.68 23.34 28.10
C ALA B 21 -16.21 22.41 29.17
N ASP B 22 -16.76 21.25 28.78
CA ASP B 22 -17.24 20.31 29.80
C ASP B 22 -16.15 20.05 30.84
N ALA B 23 -14.89 20.01 30.38
CA ALA B 23 -13.76 19.87 31.29
C ALA B 23 -13.25 21.21 31.80
N TYR B 24 -12.94 22.18 30.91
CA TYR B 24 -12.29 23.36 31.52
C TYR B 24 -13.32 24.11 32.36
N THR B 25 -14.61 24.02 32.04
CA THR B 25 -15.57 24.83 32.80
C THR B 25 -15.85 24.27 34.20
N LYS B 26 -15.07 23.32 34.65
CA LYS B 26 -14.96 22.78 35.98
C LYS B 26 -13.85 23.51 36.74
N SER B 27 -13.07 24.30 36.01
CA SER B 27 -11.90 24.94 36.61
C SER B 27 -12.26 26.23 37.36
N GLU B 28 -11.67 26.40 38.53
CA GLU B 28 -11.50 27.45 39.48
C GLU B 28 -10.89 28.70 38.84
N LYS B 29 -9.78 28.46 38.18
CA LYS B 29 -8.80 29.25 37.49
C LYS B 29 -9.35 29.87 36.21
N LEU B 30 -10.50 29.41 35.75
CA LEU B 30 -11.03 29.89 34.47
C LEU B 30 -12.47 30.41 34.59
N LYS B 31 -12.86 31.21 33.61
CA LYS B 31 -14.20 31.77 33.55
C LYS B 31 -14.65 31.94 32.11
N LEU B 32 -15.67 31.20 31.70
CA LEU B 32 -16.19 31.36 30.33
C LEU B 32 -17.16 32.53 30.25
N VAL B 33 -16.70 33.59 29.58
CA VAL B 33 -17.38 34.87 29.47
C VAL B 33 -18.27 34.94 28.25
N THR B 34 -17.84 34.42 27.09
CA THR B 34 -18.72 34.56 25.92
C THR B 34 -18.28 33.52 24.90
N CYS B 35 -18.81 33.60 23.69
CA CYS B 35 -18.52 32.54 22.72
C CYS B 35 -18.82 33.06 21.33
N TYR B 36 -18.18 32.54 20.29
CA TYR B 36 -18.47 33.12 18.98
C TYR B 36 -18.49 32.00 17.95
N SER B 37 -19.57 31.87 17.22
CA SER B 37 -19.67 31.08 16.00
C SER B 37 -20.34 32.01 14.99
N ARG B 38 -20.19 31.73 13.72
CA ARG B 38 -20.92 32.46 12.69
C ARG B 38 -22.40 32.52 13.12
N THR B 39 -22.97 31.33 13.10
CA THR B 39 -24.32 30.85 13.30
C THR B 39 -24.83 31.05 14.72
N GLU B 40 -25.69 32.04 14.89
CA GLU B 40 -26.43 32.41 16.07
C GLU B 40 -26.97 31.20 16.83
N ASP B 41 -27.49 30.22 16.13
CA ASP B 41 -28.12 29.07 16.78
C ASP B 41 -27.05 28.18 17.43
N LYS B 42 -25.90 28.09 16.78
CA LYS B 42 -24.70 27.47 17.33
C LYS B 42 -24.31 28.29 18.57
N ARG B 43 -24.30 29.62 18.43
CA ARG B 43 -23.99 30.45 19.61
C ARG B 43 -25.05 30.28 20.69
N GLU B 44 -26.29 29.98 20.29
CA GLU B 44 -27.36 29.82 21.29
C GLU B 44 -27.20 28.53 22.08
N LYS B 45 -27.09 27.41 21.34
CA LYS B 45 -26.95 26.10 22.01
C LYS B 45 -25.79 26.11 22.99
N PHE B 46 -24.62 26.55 22.50
CA PHE B 46 -23.42 26.61 23.33
C PHE B 46 -23.69 27.50 24.54
N GLY B 47 -24.16 28.72 24.29
CA GLY B 47 -24.36 29.67 25.38
C GLY B 47 -25.46 29.21 26.31
N LYS B 48 -26.48 28.48 25.82
CA LYS B 48 -27.41 28.03 26.88
C LYS B 48 -26.64 26.96 27.67
N ARG B 49 -25.98 26.07 26.94
CA ARG B 49 -25.35 24.91 27.60
C ARG B 49 -24.38 25.31 28.71
N TYR B 50 -23.60 26.38 28.51
CA TYR B 50 -22.51 26.67 29.43
C TYR B 50 -22.72 27.96 30.20
N ASN B 51 -23.89 28.58 30.05
CA ASN B 51 -24.16 29.77 30.86
C ASN B 51 -23.19 30.88 30.55
N CYS B 52 -23.01 31.20 29.27
CA CYS B 52 -22.10 32.31 28.94
C CYS B 52 -22.79 33.21 27.92
N ALA B 53 -22.09 34.27 27.50
CA ALA B 53 -22.65 35.17 26.50
C ALA B 53 -22.32 34.60 25.11
N GLY B 54 -22.97 35.17 24.13
CA GLY B 54 -22.72 34.98 22.70
C GLY B 54 -22.46 36.37 22.13
N ASP B 55 -21.44 36.51 21.28
CA ASP B 55 -21.25 37.85 20.69
C ASP B 55 -21.56 37.79 19.20
N ALA B 56 -21.97 38.95 18.66
CA ALA B 56 -22.37 39.07 17.26
C ALA B 56 -21.24 38.73 16.30
N THR B 57 -20.06 39.25 16.60
CA THR B 57 -18.90 39.37 15.74
C THR B 57 -17.62 39.06 16.48
N GLU B 59 -15.10 40.99 16.44
CA GLU B 59 -14.68 42.33 16.87
C GLU B 59 -15.27 42.71 18.22
N ALA B 60 -16.56 42.49 18.43
CA ALA B 60 -17.20 42.77 19.71
C ALA B 60 -16.57 41.92 20.81
N LEU B 61 -16.47 40.62 20.53
CA LEU B 61 -15.87 39.68 21.47
C LEU B 61 -14.50 40.17 21.93
N LEU B 62 -13.66 40.63 21.00
CA LEU B 62 -12.29 40.99 21.39
C LEU B 62 -12.23 42.35 22.06
N ALA B 63 -13.27 43.15 21.85
CA ALA B 63 -13.42 44.44 22.52
C ALA B 63 -13.43 44.20 24.02
N ARG B 64 -14.27 43.24 24.42
CA ARG B 64 -14.41 42.76 25.78
C ARG B 64 -13.15 42.73 26.60
N GLU B 65 -12.94 43.72 27.46
CA GLU B 65 -11.80 43.71 28.38
C GLU B 65 -11.75 42.38 29.13
N ASP B 66 -12.93 41.94 29.55
CA ASP B 66 -13.16 40.73 30.32
C ASP B 66 -12.51 39.48 29.72
N VAL B 67 -12.12 39.50 28.46
CA VAL B 67 -11.46 38.33 27.89
C VAL B 67 -9.93 38.49 27.86
N GLU B 68 -9.24 37.55 28.49
CA GLU B 68 -7.82 37.44 28.65
C GLU B 68 -7.28 36.32 27.75
N VAL B 70 -8.59 33.38 24.60
CA VAL B 70 -9.45 32.72 23.65
C VAL B 70 -9.15 31.21 23.63
N ILE B 71 -10.19 30.47 23.29
CA ILE B 71 -10.12 29.00 23.12
C ILE B 71 -10.63 28.66 21.73
N ILE B 72 -9.70 28.36 20.84
CA ILE B 72 -10.00 28.26 19.41
C ILE B 72 -10.16 26.80 19.00
N THR B 73 -11.39 26.48 18.56
CA THR B 73 -11.74 25.18 17.98
C THR B 73 -12.43 25.39 16.64
N VAL B 74 -11.73 26.08 15.75
CA VAL B 74 -12.14 26.32 14.37
C VAL B 74 -11.40 25.32 13.48
N PRO B 75 -11.87 25.15 12.26
CA PRO B 75 -11.12 24.50 11.18
C PRO B 75 -9.65 24.96 11.12
N ASN B 76 -8.78 23.96 11.05
CA ASN B 76 -7.34 23.95 11.07
C ASN B 76 -6.80 25.06 10.16
N ASP B 77 -7.47 25.16 9.02
CA ASP B 77 -7.14 26.07 7.92
C ASP B 77 -7.37 27.52 8.33
N LYS B 78 -8.11 27.70 9.39
CA LYS B 78 -8.59 28.92 10.00
C LYS B 78 -7.87 29.31 11.27
N HIS B 79 -7.03 28.42 11.81
CA HIS B 79 -6.29 28.73 13.02
C HIS B 79 -5.49 30.02 12.92
N ALA B 80 -4.71 30.16 11.85
CA ALA B 80 -3.83 31.31 11.70
C ALA B 80 -4.60 32.62 11.65
N GLU B 81 -5.62 32.83 10.84
CA GLU B 81 -6.11 34.23 10.82
C GLU B 81 -6.83 34.57 12.11
N VAL B 82 -7.31 33.55 12.82
CA VAL B 82 -8.05 33.78 14.07
C VAL B 82 -7.12 34.08 15.24
N ILE B 83 -6.05 33.30 15.30
CA ILE B 83 -4.93 33.56 16.22
C ILE B 83 -4.35 34.94 15.96
N GLU B 84 -4.00 35.23 14.71
CA GLU B 84 -3.51 36.56 14.34
C GLU B 84 -4.49 37.64 14.83
N GLN B 85 -5.72 37.51 14.34
CA GLN B 85 -6.83 38.34 14.80
C GLN B 85 -6.81 38.42 16.31
N CYS B 86 -6.77 37.27 17.02
CA CYS B 86 -6.78 37.36 18.48
C CYS B 86 -5.52 37.93 19.08
N ALA B 87 -4.34 37.52 18.64
CA ALA B 87 -3.10 37.92 19.29
C ALA B 87 -2.88 39.44 19.14
N ARG B 88 -3.43 39.97 18.06
CA ARG B 88 -3.37 41.38 17.70
C ARG B 88 -4.26 42.25 18.57
N SER B 89 -5.18 41.65 19.33
CA SER B 89 -5.86 42.41 20.38
C SER B 89 -5.36 42.04 21.77
N GLY B 90 -4.14 41.48 21.89
CA GLY B 90 -3.64 41.16 23.20
C GLY B 90 -4.22 39.94 23.87
N LYS B 91 -4.93 39.06 23.17
CA LYS B 91 -5.50 37.88 23.83
C LYS B 91 -4.52 36.68 23.79
N HIS B 92 -4.35 36.10 24.96
CA HIS B 92 -3.59 34.87 25.15
C HIS B 92 -4.35 33.77 24.38
N ILE B 93 -3.62 32.76 23.94
CA ILE B 93 -4.10 31.78 22.98
C ILE B 93 -3.97 30.32 23.44
N TYR B 94 -5.09 29.62 23.39
CA TYR B 94 -5.32 28.19 23.32
C TYR B 94 -5.90 27.90 21.94
N VAL B 95 -5.26 26.98 21.23
CA VAL B 95 -5.78 26.48 19.96
C VAL B 95 -5.70 24.95 20.01
N GLU B 96 -6.66 24.30 19.36
CA GLU B 96 -6.70 22.84 19.35
CA GLU B 96 -6.73 22.85 19.32
C GLU B 96 -5.59 22.31 18.45
N LYS B 97 -5.12 21.09 18.68
CA LYS B 97 -4.06 20.57 17.84
C LYS B 97 -4.48 20.37 16.35
N PRO B 98 -3.89 20.25 15.17
CA PRO B 98 -2.64 20.62 14.43
C PRO B 98 -2.65 22.16 14.57
N ILE B 99 -1.47 22.72 14.81
CA ILE B 99 -1.31 24.16 14.84
C ILE B 99 -1.93 24.80 13.58
N SER B 100 -1.77 24.11 12.48
CA SER B 100 -2.34 24.30 11.17
C SER B 100 -2.14 23.06 10.30
N VAL B 101 -2.54 23.10 9.02
CA VAL B 101 -2.18 22.01 8.12
C VAL B 101 -1.09 22.41 7.14
N SER B 102 -0.75 23.68 7.09
CA SER B 102 0.28 24.20 6.19
C SER B 102 1.47 24.82 6.91
N LEU B 103 2.68 24.72 6.34
CA LEU B 103 3.81 25.34 7.01
C LEU B 103 3.60 26.87 7.10
N ASP B 104 3.13 27.40 5.98
CA ASP B 104 2.87 28.82 5.78
C ASP B 104 2.10 29.37 6.99
N HIS B 105 0.99 28.71 7.27
CA HIS B 105 0.11 29.03 8.37
C HIS B 105 0.77 28.91 9.73
N ALA B 106 1.57 27.87 9.93
CA ALA B 106 2.21 27.69 11.23
C ALA B 106 3.30 28.73 11.47
N GLN B 107 4.07 28.99 10.43
CA GLN B 107 5.10 30.03 10.42
C GLN B 107 4.43 31.35 10.80
N ARG B 108 3.32 31.67 10.14
CA ARG B 108 2.55 32.87 10.51
C ARG B 108 2.11 32.93 11.95
N ILE B 109 1.76 31.79 12.53
CA ILE B 109 1.33 31.78 13.93
C ILE B 109 2.52 32.00 14.86
N ASP B 110 3.66 31.40 14.54
CA ASP B 110 4.83 31.60 15.40
C ASP B 110 5.18 33.08 15.38
N GLN B 111 5.13 33.67 14.19
CA GLN B 111 5.52 35.07 14.02
C GLN B 111 4.69 35.99 14.90
N VAL B 112 3.37 35.82 14.85
CA VAL B 112 2.46 36.71 15.59
C VAL B 112 2.66 36.50 17.06
N ILE B 113 2.87 35.25 17.50
CA ILE B 113 3.14 35.06 18.93
C ILE B 113 4.45 35.75 19.30
N LYS B 114 5.43 35.72 18.41
CA LYS B 114 6.75 36.26 18.80
C LYS B 114 6.68 37.78 18.73
N GLU B 115 5.85 38.25 17.80
CA GLU B 115 5.46 39.64 17.65
C GLU B 115 4.77 40.21 18.88
N THR B 116 3.75 39.54 19.41
CA THR B 116 2.85 40.13 20.39
C THR B 116 3.19 39.85 21.84
N GLY B 117 3.94 38.78 22.11
CA GLY B 117 4.32 38.39 23.44
C GLY B 117 3.33 37.59 24.27
N VAL B 118 2.11 37.48 23.83
CA VAL B 118 1.03 36.73 24.43
C VAL B 118 1.42 35.26 24.58
N LYS B 119 0.88 34.59 25.56
CA LYS B 119 1.28 33.18 25.76
C LYS B 119 0.45 32.33 24.78
N PHE B 120 0.93 31.12 24.51
CA PHE B 120 0.33 30.29 23.47
C PHE B 120 0.53 28.82 23.85
N LEU B 121 -0.53 28.04 23.76
CA LEU B 121 -0.42 26.59 23.84
C LEU B 121 -1.24 26.03 22.69
N CYS B 122 -0.66 25.17 21.88
CA CYS B 122 -1.40 24.33 20.94
C CYS B 122 -1.68 23.00 21.62
N GLY B 123 -2.92 22.76 22.01
CA GLY B 123 -3.22 21.60 22.86
C GLY B 123 -3.01 20.27 22.17
N HIS B 124 -2.11 19.47 22.71
CA HIS B 124 -1.87 18.08 22.44
C HIS B 124 -1.91 17.41 23.83
N SER B 125 -3.10 16.99 24.27
CA SER B 125 -3.31 16.64 25.65
C SER B 125 -2.89 15.22 26.01
N SER B 126 -2.58 14.29 25.09
CA SER B 126 -2.29 12.96 25.62
C SER B 126 -0.98 12.96 26.40
N ARG B 127 -0.04 13.85 26.09
CA ARG B 127 1.21 13.79 26.84
C ARG B 127 1.06 14.11 28.32
N ARG B 128 -0.07 14.67 28.70
CA ARG B 128 -0.45 15.06 30.04
C ARG B 128 -1.16 13.96 30.81
N LEU B 129 -1.55 12.90 30.15
CA LEU B 129 -2.12 11.75 30.86
C LEU B 129 -1.16 11.22 31.92
N GLY B 130 -1.70 10.78 33.04
CA GLY B 130 -0.84 10.19 34.08
C GLY B 130 0.03 9.09 33.53
N ALA B 131 -0.45 8.27 32.59
CA ALA B 131 0.31 7.19 32.02
C ALA B 131 1.51 7.68 31.20
N LEU B 132 1.31 8.78 30.46
CA LEU B 132 2.38 9.30 29.64
C LEU B 132 3.40 9.99 30.54
N ARG B 133 2.93 10.66 31.60
CA ARG B 133 3.87 11.27 32.55
C ARG B 133 4.64 10.15 33.25
N LYS B 134 3.98 9.05 33.59
CA LYS B 134 4.70 7.93 34.20
C LYS B 134 5.73 7.34 33.25
N LYS B 136 7.29 8.79 30.84
CA LYS B 136 8.37 9.74 30.69
C LYS B 136 9.32 9.61 31.88
N GLU B 137 8.74 9.49 33.07
CA GLU B 137 9.61 9.35 34.25
C GLU B 137 10.37 8.06 34.18
N ILE B 139 11.45 6.46 31.68
CA ILE B 139 12.46 6.61 30.66
C ILE B 139 13.62 7.52 31.08
N ASP B 140 13.27 8.67 31.59
CA ASP B 140 14.23 9.66 32.07
C ASP B 140 15.04 9.19 33.26
N THR B 141 14.47 8.42 34.19
CA THR B 141 15.28 7.91 35.29
C THR B 141 16.05 6.65 34.95
N LYS B 142 15.86 6.14 33.74
CA LYS B 142 16.50 4.93 33.26
C LYS B 142 16.09 3.67 34.02
N GLU B 143 14.94 3.74 34.67
CA GLU B 143 14.33 2.60 35.34
C GLU B 143 14.27 1.44 34.35
N ILE B 144 13.93 1.76 33.08
CA ILE B 144 13.83 0.70 32.07
C ILE B 144 15.10 0.46 31.28
N GLY B 145 16.21 1.04 31.72
CA GLY B 145 17.45 1.09 30.96
C GLY B 145 17.28 2.27 30.00
N GLU B 146 17.98 2.23 28.90
CA GLU B 146 18.09 3.09 27.76
C GLU B 146 17.11 2.60 26.66
N VAL B 147 16.43 3.58 26.06
CA VAL B 147 15.47 3.22 25.01
C VAL B 147 16.15 3.07 23.66
N SER B 148 15.79 2.00 22.94
CA SER B 148 16.24 1.73 21.60
C SER B 148 15.24 2.25 20.56
N SER B 149 14.02 1.72 20.64
CA SER B 149 12.96 2.14 19.73
C SER B 149 11.61 2.16 20.45
N ILE B 150 10.66 2.85 19.84
CA ILE B 150 9.28 2.93 20.28
C ILE B 150 8.35 2.64 19.08
N GLU B 151 7.26 1.97 19.37
CA GLU B 151 6.21 1.71 18.36
C GLU B 151 4.94 2.36 18.83
N ALA B 152 4.36 3.27 18.08
CA ALA B 152 3.11 3.94 18.45
C ALA B 152 2.03 3.68 17.40
N VAL B 153 0.78 3.55 17.83
CA VAL B 153 -0.32 3.28 16.92
C VAL B 153 -1.52 4.10 17.35
N PHE B 154 -2.24 4.65 16.38
CA PHE B 154 -3.51 5.33 16.61
C PHE B 154 -4.38 5.06 15.37
N SER B 155 -5.40 4.22 15.53
CA SER B 155 -6.21 3.85 14.38
C SER B 155 -7.68 3.89 14.76
N ASN B 156 -8.54 3.98 13.74
CA ASN B 156 -9.97 3.72 13.90
C ASN B 156 -10.56 3.46 12.52
N GLU B 157 -11.88 3.32 12.45
CA GLU B 157 -12.55 2.84 11.23
C GLU B 157 -13.14 3.97 10.42
N ARG B 158 -12.78 5.20 10.73
CA ARG B 158 -13.29 6.38 10.05
C ARG B 158 -13.31 6.33 8.53
N GLY B 159 -12.25 5.82 7.90
CA GLY B 159 -12.21 5.91 6.44
C GLY B 159 -13.12 4.88 5.80
N LEU B 160 -13.61 3.92 6.56
CA LEU B 160 -14.42 2.88 5.90
C LEU B 160 -15.76 3.49 5.46
N GLU B 161 -16.36 4.34 6.29
CA GLU B 161 -17.69 4.84 5.91
C GLU B 161 -17.56 6.22 5.32
N LEU B 162 -16.36 6.78 5.36
CA LEU B 162 -16.11 8.12 4.84
C LEU B 162 -16.68 8.27 3.43
N LYS B 163 -17.26 9.43 3.17
CA LYS B 163 -17.88 9.78 1.90
C LYS B 163 -17.00 10.73 1.08
N LYS B 164 -16.94 10.49 -0.21
CA LYS B 164 -16.31 11.38 -1.17
C LYS B 164 -16.73 12.81 -0.87
N GLY B 165 -15.83 13.78 -0.83
CA GLY B 165 -16.24 15.13 -0.53
C GLY B 165 -16.25 15.52 0.93
N ASN B 166 -16.07 14.59 1.88
CA ASN B 166 -15.83 15.01 3.26
C ASN B 166 -14.43 15.62 3.30
N TRP B 167 -14.23 16.59 4.17
CA TRP B 167 -12.96 17.29 4.26
C TRP B 167 -11.81 16.37 4.68
N ARG B 168 -12.15 15.26 5.35
CA ARG B 168 -11.08 14.31 5.70
C ARG B 168 -10.55 13.59 4.46
N GLY B 169 -11.21 13.76 3.31
CA GLY B 169 -10.82 13.02 2.13
C GLY B 169 -10.00 13.86 1.17
N GLU B 170 -9.82 15.14 1.49
CA GLU B 170 -8.90 16.00 0.76
C GLU B 170 -7.54 15.98 1.44
N PRO B 171 -6.49 15.63 0.71
CA PRO B 171 -5.12 15.71 1.21
C PRO B 171 -4.73 17.08 1.75
N ALA B 172 -5.43 18.11 1.25
CA ALA B 172 -5.07 19.49 1.56
C ALA B 172 -5.58 19.93 2.92
N THR B 173 -6.69 19.33 3.36
CA THR B 173 -7.26 19.61 4.66
C THR B 173 -6.86 18.51 5.65
N ALA B 174 -6.43 17.38 5.10
CA ALA B 174 -6.09 16.19 5.89
C ALA B 174 -4.86 15.48 5.37
N PRO B 175 -3.69 16.10 5.51
CA PRO B 175 -2.47 15.47 4.99
C PRO B 175 -2.15 14.15 5.69
N GLY B 176 -1.96 13.12 4.89
CA GLY B 176 -1.71 11.73 5.22
C GLY B 176 -2.93 11.07 5.82
N GLY B 177 -4.11 11.63 5.60
CA GLY B 177 -5.34 11.21 6.23
C GLY B 177 -5.23 11.12 7.74
N PRO B 178 -5.16 9.89 8.26
CA PRO B 178 -5.09 9.73 9.73
C PRO B 178 -3.78 10.24 10.32
N LEU B 179 -2.76 10.49 9.50
CA LEU B 179 -1.47 10.95 9.97
C LEU B 179 -1.68 12.27 10.70
N THR B 180 -2.67 13.03 10.21
CA THR B 180 -2.91 14.35 10.78
C THR B 180 -3.83 14.26 12.00
N GLN B 181 -5.05 13.78 11.81
CA GLN B 181 -6.04 13.86 12.88
C GLN B 181 -5.72 12.91 14.03
N LEU B 182 -4.94 11.85 13.74
CA LEU B 182 -4.64 10.88 14.80
C LEU B 182 -3.15 10.93 15.10
N GLY B 183 -2.37 10.84 14.04
CA GLY B 183 -0.92 10.82 14.02
C GLY B 183 -0.34 11.95 14.87
N VAL B 184 -0.87 13.17 14.71
CA VAL B 184 -0.27 14.31 15.42
C VAL B 184 -0.21 14.07 16.91
N HIS B 185 -1.14 13.31 17.48
CA HIS B 185 -1.08 13.00 18.90
C HIS B 185 0.14 12.17 19.30
N GLN B 186 0.39 11.10 18.55
CA GLN B 186 1.52 10.22 18.84
C GLN B 186 2.82 10.90 18.46
N ILE B 187 2.77 11.73 17.40
CA ILE B 187 4.01 12.44 17.03
C ILE B 187 4.41 13.34 18.19
N ASP B 188 3.45 14.05 18.79
CA ASP B 188 3.76 14.84 19.96
C ASP B 188 4.24 13.94 21.10
N ASN B 189 3.59 12.77 21.24
CA ASN B 189 3.99 11.88 22.33
C ASN B 189 5.42 11.41 22.11
N LEU B 190 5.77 11.09 20.86
CA LEU B 190 7.12 10.62 20.58
C LEU B 190 8.20 11.64 20.90
N GLN B 191 8.00 12.89 20.50
CA GLN B 191 8.95 13.97 20.77
C GLN B 191 8.95 14.39 22.23
N PHE B 192 7.79 14.36 22.88
CA PHE B 192 7.73 14.39 24.34
C PHE B 192 8.64 13.33 24.94
N LEU B 193 8.49 12.05 24.60
CA LEU B 193 9.29 11.07 25.34
C LEU B 193 10.76 11.09 24.97
N LEU B 194 11.09 11.30 23.71
CA LEU B 194 12.44 11.03 23.20
C LEU B 194 13.14 12.22 22.55
N GLY B 195 12.49 13.38 22.35
CA GLY B 195 13.26 14.46 21.73
C GLY B 195 12.92 14.65 20.25
N PRO B 196 13.55 15.62 19.61
CA PRO B 196 13.23 15.99 18.24
C PRO B 196 13.56 14.89 17.24
N VAL B 197 12.69 14.74 16.27
CA VAL B 197 12.87 13.89 15.10
C VAL B 197 13.84 14.52 14.12
N ALA B 198 14.77 13.73 13.59
CA ALA B 198 15.68 14.20 12.55
C ALA B 198 15.13 13.96 11.15
N ARG B 199 14.59 12.76 10.92
CA ARG B 199 14.08 12.37 9.61
C ARG B 199 13.01 11.27 9.71
N VAL B 200 12.27 11.13 8.64
CA VAL B 200 11.11 10.30 8.44
CA VAL B 200 11.14 10.22 8.50
C VAL B 200 11.06 9.51 7.14
N PHE B 201 10.49 8.30 7.16
CA PHE B 201 10.19 7.57 5.94
C PHE B 201 8.76 7.08 6.03
N ASN B 202 7.97 7.08 4.97
CA ASN B 202 6.57 6.68 5.12
C ASN B 202 6.10 5.85 3.93
N PHE B 203 5.38 4.75 4.18
CA PHE B 203 4.61 4.10 3.12
C PHE B 203 3.17 4.44 3.46
N GLY B 204 2.33 4.81 2.51
CA GLY B 204 0.95 5.13 2.90
C GLY B 204 0.07 5.22 1.67
N LYS B 205 -1.22 4.94 1.80
CA LYS B 205 -2.09 4.95 0.62
C LYS B 205 -3.55 4.81 1.03
N PRO B 206 -4.46 5.18 0.12
CA PRO B 206 -5.88 4.96 0.41
C PRO B 206 -6.16 3.46 0.48
N TYR B 208 -9.41 0.46 1.32
CA TYR B 208 -10.76 0.10 1.76
C TYR B 208 -11.64 1.31 2.00
N THR B 209 -11.52 2.31 1.14
CA THR B 209 -12.22 3.57 1.29
C THR B 209 -12.60 4.14 -0.08
N GLU B 210 -13.59 5.01 -0.06
CA GLU B 210 -14.15 5.70 -1.21
C GLU B 210 -13.40 6.99 -1.47
N VAL B 211 -12.71 7.51 -0.45
CA VAL B 211 -12.04 8.80 -0.55
C VAL B 211 -10.69 8.75 -1.27
N GLU B 212 -10.32 9.86 -1.85
CA GLU B 212 -9.12 10.10 -2.61
C GLU B 212 -8.04 10.61 -1.64
N ASN B 213 -7.89 9.90 -0.52
CA ASN B 213 -6.87 10.35 0.44
C ASN B 213 -6.19 9.12 1.02
N ILE B 214 -4.95 9.25 1.48
CA ILE B 214 -4.35 8.15 2.23
C ILE B 214 -5.23 7.81 3.42
N THR B 215 -5.48 6.52 3.66
CA THR B 215 -6.15 6.15 4.92
C THR B 215 -5.30 5.20 5.75
N VAL B 216 -4.15 4.77 5.24
CA VAL B 216 -3.30 3.85 5.98
C VAL B 216 -1.83 4.27 5.79
N ASN B 217 -1.12 4.43 6.91
CA ASN B 217 0.29 4.83 6.82
C ASN B 217 1.08 3.96 7.82
N GLN B 218 2.32 3.68 7.45
CA GLN B 218 3.34 3.13 8.35
C GLN B 218 4.57 4.03 8.19
N THR B 219 4.95 4.67 9.30
CA THR B 219 5.95 5.72 9.28
C THR B 219 7.12 5.30 10.16
N LEU B 220 8.34 5.44 9.68
CA LEU B 220 9.53 5.33 10.52
C LEU B 220 10.15 6.69 10.79
N LEU B 221 10.74 6.84 11.95
CA LEU B 221 11.34 8.03 12.50
C LEU B 221 12.75 7.77 13.03
N GLU B 222 13.74 8.60 12.73
CA GLU B 222 14.99 8.55 13.47
C GLU B 222 15.13 9.90 14.18
N PHE B 223 15.51 9.88 15.44
CA PHE B 223 15.56 11.06 16.28
C PHE B 223 16.97 11.61 16.26
N GLU B 224 17.16 12.82 16.74
CA GLU B 224 18.51 13.41 16.69
C GLU B 224 19.56 12.57 17.36
N ASP B 225 19.23 11.88 18.45
CA ASP B 225 20.25 11.13 19.18
C ASP B 225 20.36 9.71 18.65
N GLY B 226 19.74 9.41 17.52
CA GLY B 226 19.82 8.09 16.93
C GLY B 226 18.75 7.10 17.36
N LYS B 227 17.93 7.38 18.37
CA LYS B 227 16.93 6.36 18.72
C LYS B 227 15.95 6.30 17.56
N GLN B 228 15.06 5.32 17.49
CA GLN B 228 14.16 5.18 16.36
C GLN B 228 12.71 4.98 16.80
N ALA B 229 11.74 5.27 15.91
CA ALA B 229 10.35 5.04 16.30
C ALA B 229 9.58 4.61 15.05
N TYR B 230 8.55 3.83 15.24
CA TYR B 230 7.56 3.45 14.24
C TYR B 230 6.22 4.09 14.65
N LEU B 231 5.46 4.62 13.69
CA LEU B 231 4.15 5.15 13.92
C LEU B 231 3.20 4.57 12.88
N GLY B 232 2.19 3.85 13.34
CA GLY B 232 1.18 3.34 12.42
C GLY B 232 -0.07 4.16 12.59
N THR B 233 -0.64 4.66 11.48
CA THR B 233 -1.88 5.46 11.62
C THR B 233 -2.85 4.86 10.59
N ASN B 234 -4.08 4.60 10.98
CA ASN B 234 -4.92 3.73 10.14
C ASN B 234 -6.39 4.11 10.38
N TRP B 235 -7.10 4.21 9.25
CA TRP B 235 -8.47 4.70 9.23
C TRP B 235 -9.35 3.57 8.68
N ALA B 236 -8.87 2.34 8.87
CA ALA B 236 -9.52 1.15 8.31
C ALA B 236 -9.63 -0.04 9.24
N CYS B 237 -9.66 0.15 10.55
CA CYS B 237 -9.74 -0.97 11.47
C CYS B 237 -10.33 -0.51 12.80
N PRO B 238 -10.82 -1.46 13.58
CA PRO B 238 -11.30 -1.12 14.93
C PRO B 238 -10.25 -0.33 15.71
N GLY B 239 -10.70 0.57 16.58
CA GLY B 239 -9.86 1.44 17.34
C GLY B 239 -8.71 0.79 18.09
N VAL B 240 -7.54 1.38 17.96
CA VAL B 240 -6.34 1.10 18.75
C VAL B 240 -5.60 2.38 19.09
N PHE B 241 -5.13 2.48 20.32
CA PHE B 241 -4.16 3.51 20.70
C PHE B 241 -3.14 2.78 21.59
N SER B 242 -1.91 2.68 21.10
CA SER B 242 -0.90 1.96 21.88
C SER B 242 0.47 2.60 21.69
N ILE B 243 1.31 2.33 22.68
CA ILE B 243 2.71 2.78 22.68
C ILE B 243 3.54 1.68 23.31
N ASN B 244 4.54 1.20 22.59
CA ASN B 244 5.43 0.17 23.13
C ASN B 244 6.83 0.79 23.21
N VAL B 245 7.45 0.73 24.37
CA VAL B 245 8.78 1.33 24.51
C VAL B 245 9.78 0.22 24.77
N TYR B 246 10.84 0.16 23.96
CA TYR B 246 11.83 -0.93 24.11
C TYR B 246 13.08 -0.38 24.82
N GLY B 247 13.34 -0.96 25.99
CA GLY B 247 14.48 -0.54 26.81
C GLY B 247 15.48 -1.61 27.11
N THR B 248 16.72 -1.24 27.48
CA THR B 248 17.69 -2.36 27.69
C THR B 248 17.44 -3.19 28.95
N LYS B 249 16.71 -2.62 29.92
CA LYS B 249 16.37 -3.36 31.12
C LYS B 249 14.91 -3.78 31.19
N ALA B 250 14.03 -3.01 30.54
CA ALA B 250 12.61 -3.42 30.56
C ALA B 250 11.93 -2.89 29.29
N ASN B 251 10.73 -3.39 29.01
CA ASN B 251 9.92 -2.80 27.94
C ASN B 251 8.60 -2.35 28.57
N LEU B 252 7.97 -1.38 27.96
CA LEU B 252 6.70 -0.81 28.35
C LEU B 252 5.67 -1.01 27.23
N PHE B 253 4.52 -1.49 27.63
CA PHE B 253 3.39 -1.77 26.74
C PHE B 253 2.20 -0.99 27.26
N TYR B 254 1.80 0.07 26.54
CA TYR B 254 0.66 0.89 26.93
C TYR B 254 -0.48 0.78 25.92
N GLN B 255 -1.70 0.69 26.43
CA GLN B 255 -2.87 0.66 25.55
CA GLN B 255 -2.92 0.56 25.67
C GLN B 255 -3.95 1.54 26.19
N LEU B 256 -4.60 2.35 25.36
CA LEU B 256 -5.62 3.28 25.79
C LEU B 256 -6.94 3.07 25.04
N ASP B 257 -8.05 3.06 25.77
CA ASP B 257 -9.37 3.00 25.14
C ASP B 257 -9.80 4.42 24.78
N PHE B 258 -9.63 4.80 23.53
CA PHE B 258 -9.74 6.21 23.12
C PHE B 258 -11.19 6.66 23.18
N SER B 259 -12.14 5.72 23.24
CA SER B 259 -13.53 6.19 23.47
C SER B 259 -13.71 6.88 24.81
N TRP B 260 -12.77 6.82 25.76
CA TRP B 260 -12.95 7.54 27.00
C TRP B 260 -12.14 8.84 27.03
N TRP B 261 -11.68 9.29 25.88
CA TRP B 261 -10.85 10.49 25.81
C TRP B 261 -11.51 11.77 26.32
N SER B 262 -12.77 11.96 25.92
CA SER B 262 -13.57 13.14 26.20
C SER B 262 -13.96 13.17 27.68
N ASN B 263 -14.11 11.96 28.24
CA ASN B 263 -14.27 11.83 29.70
C ASN B 263 -12.93 12.02 30.38
N SER B 264 -12.43 13.25 30.36
CA SER B 264 -11.00 13.58 30.54
C SER B 264 -10.54 13.33 31.97
N ASP B 265 -11.43 13.46 32.95
CA ASP B 265 -11.08 13.22 34.34
C ASP B 265 -10.78 11.76 34.65
N VAL B 266 -11.18 10.84 33.79
CA VAL B 266 -11.04 9.42 34.03
C VAL B 266 -10.40 8.62 32.90
N THR B 267 -10.02 9.29 31.81
CA THR B 267 -9.44 8.61 30.65
C THR B 267 -8.34 7.60 31.03
N ASP B 268 -7.46 8.06 31.93
CA ASP B 268 -6.32 7.27 32.39
C ASP B 268 -6.77 5.93 32.95
N GLU B 269 -7.91 5.93 33.61
CA GLU B 269 -8.48 4.70 34.19
C GLU B 269 -8.84 3.66 33.16
N HIS B 270 -8.94 4.08 31.91
CA HIS B 270 -9.31 3.27 30.77
C HIS B 270 -8.09 3.00 29.90
N SER B 271 -6.97 2.80 30.59
CA SER B 271 -5.68 2.50 29.96
C SER B 271 -4.95 1.43 30.78
N THR B 272 -3.97 0.78 30.16
CA THR B 272 -3.08 -0.09 30.94
C THR B 272 -1.64 0.19 30.52
N LEU B 273 -0.75 0.02 31.50
CA LEU B 273 0.70 0.16 31.36
C LEU B 273 1.33 -1.10 32.00
N ILE B 274 2.00 -1.88 31.18
CA ILE B 274 2.59 -3.13 31.63
C ILE B 274 4.09 -2.97 31.49
N LYS B 275 4.85 -3.32 32.55
CA LYS B 275 6.32 -3.36 32.41
C LYS B 275 6.77 -4.82 32.30
N ARG B 276 7.54 -5.11 31.25
CA ARG B 276 8.09 -6.43 31.04
C ARG B 276 9.57 -6.40 31.45
N GLU B 277 9.92 -7.21 32.43
CA GLU B 277 11.31 -7.18 32.93
C GLU B 277 11.80 -8.57 33.30
N PHE B 278 13.13 -8.68 33.37
CA PHE B 278 13.84 -9.85 33.88
C PHE B 278 13.65 -9.97 35.38
N ALA B 279 13.35 -11.15 35.89
CA ALA B 279 13.16 -11.32 37.33
C ALA B 279 14.41 -11.93 37.97
N ILE B 289 14.32 -14.85 34.92
CA ILE B 289 13.52 -15.00 33.68
C ILE B 289 12.68 -13.76 33.44
N LEU B 290 11.62 -13.77 32.63
CA LEU B 290 10.92 -12.52 32.36
C LEU B 290 9.58 -12.45 33.10
N ARG B 291 9.14 -11.25 33.45
CA ARG B 291 7.81 -11.12 34.03
C ARG B 291 7.23 -9.78 33.54
N ASP B 292 5.92 -9.74 33.51
CA ASP B 292 5.12 -8.58 33.14
C ASP B 292 4.34 -8.11 34.38
N VAL B 293 4.50 -6.83 34.70
CA VAL B 293 3.99 -6.22 35.90
C VAL B 293 3.03 -5.10 35.52
N LYS B 294 1.85 -5.00 36.10
CA LYS B 294 1.02 -3.82 35.79
C LYS B 294 1.55 -2.60 36.53
N VAL B 295 1.64 -1.47 35.85
CA VAL B 295 2.19 -0.27 36.46
C VAL B 295 1.01 0.63 36.87
N ASP B 296 1.08 1.21 38.06
CA ASP B 296 0.02 2.10 38.51
C ASP B 296 0.44 3.55 38.41
N PHE B 297 -0.50 4.44 38.11
CA PHE B 297 -0.25 5.87 38.04
C PHE B 297 -1.55 6.63 38.37
N GLU B 298 -1.37 7.88 38.72
CA GLU B 298 -2.39 8.85 39.05
C GLU B 298 -3.13 9.28 37.78
N SER B 299 -4.44 9.49 37.89
CA SER B 299 -5.17 10.08 36.76
C SER B 299 -4.95 11.58 36.68
N VAL B 300 -4.86 12.09 35.46
CA VAL B 300 -4.75 13.51 35.18
C VAL B 300 -5.88 13.87 34.22
N ASP B 301 -6.65 14.91 34.56
CA ASP B 301 -7.64 15.48 33.66
C ASP B 301 -6.94 16.23 32.52
N HIS B 302 -6.62 15.48 31.47
CA HIS B 302 -5.73 15.97 30.41
C HIS B 302 -6.21 17.24 29.72
N LEU B 303 -7.51 17.35 29.49
CA LEU B 303 -8.04 18.51 28.76
C LEU B 303 -8.05 19.73 29.68
N ARG B 304 -8.49 19.53 30.92
CA ARG B 304 -8.62 20.69 31.82
C ARG B 304 -7.30 21.26 32.30
N VAL B 305 -6.27 20.44 32.54
CA VAL B 305 -5.00 21.00 32.99
C VAL B 305 -4.21 21.65 31.87
N GLU B 306 -4.47 21.30 30.60
CA GLU B 306 -3.80 22.05 29.54
C GLU B 306 -4.27 23.50 29.49
N VAL B 307 -5.57 23.71 29.57
CA VAL B 307 -6.13 25.07 29.53
C VAL B 307 -5.65 25.84 30.76
N GLU B 308 -5.54 25.16 31.89
CA GLU B 308 -5.16 25.75 33.17
C GLU B 308 -3.71 26.23 33.11
N GLU B 309 -2.87 25.45 32.43
N GLU B 309 -2.86 25.46 32.42
CA GLU B 309 -1.47 25.81 32.23
CA GLU B 309 -1.45 25.85 32.30
C GLU B 309 -1.34 27.19 31.60
C GLU B 309 -1.32 27.18 31.57
N VAL B 310 -2.24 27.49 30.67
CA VAL B 310 -2.24 28.80 30.00
C VAL B 310 -2.66 29.86 31.02
N ALA B 311 -3.65 29.54 31.83
CA ALA B 311 -4.06 30.40 32.93
C ALA B 311 -2.89 30.74 33.85
N ASP B 312 -2.16 29.70 34.23
CA ASP B 312 -1.06 29.76 35.18
C ASP B 312 0.16 30.50 34.63
N VAL B 313 0.42 30.38 33.33
CA VAL B 313 1.60 31.05 32.78
C VAL B 313 1.19 32.49 32.47
N ILE B 314 -0.12 32.73 32.44
CA ILE B 314 -0.61 34.10 32.31
C ILE B 314 -0.36 34.79 33.66
N ARG B 315 -0.95 34.24 34.73
CA ARG B 315 -0.80 34.94 36.01
C ARG B 315 0.66 34.96 36.45
N ASN B 316 1.31 33.80 36.48
CA ASN B 316 2.64 33.67 37.08
C ASN B 316 3.79 33.55 36.09
N GLY B 317 3.65 34.03 34.88
CA GLY B 317 4.70 34.07 33.90
C GLY B 317 5.38 32.82 33.43
N GLY B 318 6.25 32.95 32.42
CA GLY B 318 6.94 31.78 31.88
C GLY B 318 6.35 31.35 30.54
N GLU B 319 6.42 30.06 30.21
CA GLU B 319 5.74 29.61 28.99
C GLU B 319 5.26 28.15 29.10
N THR B 320 4.26 27.87 28.28
CA THR B 320 3.51 26.63 28.21
C THR B 320 4.45 25.53 27.71
N GLU B 321 4.00 24.29 27.85
CA GLU B 321 4.83 23.14 27.47
CA GLU B 321 4.85 23.15 27.47
C GLU B 321 4.93 22.98 25.96
N ILE B 322 3.92 23.43 25.23
CA ILE B 322 3.93 23.27 23.78
C ILE B 322 3.59 24.56 23.01
N GLY B 323 4.64 25.29 22.64
CA GLY B 323 4.47 26.53 21.92
C GLY B 323 4.36 26.33 20.40
N ALA B 324 4.42 27.44 19.68
CA ALA B 324 4.27 27.45 18.23
C ALA B 324 5.41 26.66 17.59
N GLU B 325 6.63 26.76 18.14
CA GLU B 325 7.74 26.12 17.44
C GLU B 325 7.64 24.60 17.61
N ALA B 326 7.21 24.18 18.80
CA ALA B 326 7.11 22.75 19.08
C ALA B 326 5.92 22.16 18.31
N SER B 327 4.88 22.96 18.13
CA SER B 327 3.70 22.54 17.41
C SER B 327 4.03 22.42 15.93
N LEU B 328 4.82 23.37 15.43
CA LEU B 328 5.27 23.38 14.06
C LEU B 328 5.98 22.07 13.75
N ARG B 329 6.90 21.74 14.64
CA ARG B 329 7.77 20.57 14.54
C ARG B 329 6.96 19.29 14.47
N ASN B 330 5.82 19.25 15.15
CA ASN B 330 4.95 18.06 15.03
C ASN B 330 4.31 18.09 13.64
N LEU B 331 3.83 19.25 13.21
CA LEU B 331 3.24 19.30 11.85
C LEU B 331 4.27 18.95 10.79
N ALA B 332 5.50 19.45 10.95
CA ALA B 332 6.54 19.12 9.97
C ALA B 332 6.78 17.63 9.85
N VAL B 333 6.53 16.84 10.92
CA VAL B 333 6.78 15.40 10.77
C VAL B 333 5.76 14.84 9.78
N VAL B 334 4.51 15.23 9.93
CA VAL B 334 3.45 14.84 9.00
C VAL B 334 3.87 15.19 7.57
N LEU B 335 4.16 16.47 7.37
CA LEU B 335 4.53 16.97 6.04
C LEU B 335 5.73 16.25 5.44
N ALA B 336 6.76 15.96 6.24
CA ALA B 336 7.89 15.23 5.65
C ALA B 336 7.38 13.84 5.31
N ALA B 337 6.41 13.34 6.11
CA ALA B 337 5.90 11.99 5.86
C ALA B 337 5.12 12.00 4.56
N VAL B 338 4.44 13.10 4.25
CA VAL B 338 3.66 13.07 3.01
C VAL B 338 4.61 13.22 1.83
N LYS B 339 5.66 14.02 1.97
CA LYS B 339 6.66 14.10 0.90
C LYS B 339 7.39 12.79 0.70
N SER B 340 7.58 12.02 1.77
CA SER B 340 8.26 10.73 1.65
C SER B 340 7.43 9.82 0.74
N VAL B 341 6.10 9.96 0.80
CA VAL B 341 5.25 9.09 0.00
C VAL B 341 5.29 9.58 -1.46
N HIS B 342 5.29 10.88 -1.64
CA HIS B 342 5.41 11.46 -2.98
C HIS B 342 6.77 11.22 -3.61
N GLU B 343 7.85 11.36 -2.87
CA GLU B 343 9.17 11.32 -3.48
C GLU B 343 9.88 9.99 -3.25
N LYS B 344 9.14 9.01 -2.75
CA LYS B 344 9.67 7.71 -2.36
C LYS B 344 11.09 7.77 -1.81
N ARG B 345 11.30 8.56 -0.78
CA ARG B 345 12.57 8.75 -0.09
C ARG B 345 12.35 9.19 1.37
N PRO B 346 13.37 8.93 2.18
CA PRO B 346 13.43 9.49 3.54
C PRO B 346 13.57 11.01 3.38
N VAL B 347 13.03 11.77 4.30
CA VAL B 347 13.03 13.22 4.24
C VAL B 347 13.50 13.75 5.59
N GLU B 348 14.45 14.67 5.57
CA GLU B 348 14.95 15.31 6.78
C GLU B 348 13.93 16.38 7.19
N ILE B 349 13.64 16.46 8.48
CA ILE B 349 12.76 17.53 8.96
C ILE B 349 13.30 18.91 8.64
N ALA B 350 14.62 19.07 8.67
CA ALA B 350 15.25 20.32 8.23
C ALA B 350 14.68 20.81 6.90
N GLU B 351 14.55 19.88 5.96
CA GLU B 351 14.12 20.17 4.60
C GLU B 351 12.80 20.92 4.69
N ILE B 352 11.93 20.44 5.58
CA ILE B 352 10.63 21.10 5.73
C ILE B 352 10.83 22.38 6.52
N ILE B 353 11.50 22.29 7.67
CA ILE B 353 11.62 23.45 8.55
C ILE B 353 12.62 24.47 7.99
N GLY B 354 13.90 24.17 8.12
CA GLY B 354 15.03 25.04 7.93
C GLY B 354 16.33 24.26 8.05
N TYR C 3 -22.36 -1.49 -4.68
CA TYR C 3 -22.53 -0.05 -4.52
C TYR C 3 -23.78 0.48 -5.23
N ASN C 4 -24.20 1.69 -4.84
CA ASN C 4 -25.24 2.41 -5.57
C ASN C 4 -24.85 2.44 -7.04
N PRO C 5 -25.69 2.04 -7.97
CA PRO C 5 -25.35 2.16 -9.38
C PRO C 5 -25.08 3.62 -9.80
N VAL C 6 -24.11 3.78 -10.70
CA VAL C 6 -23.69 5.12 -11.11
C VAL C 6 -24.68 5.56 -12.17
N GLY C 7 -25.18 6.78 -12.08
CA GLY C 7 -26.11 7.33 -13.04
C GLY C 7 -25.42 7.88 -14.29
N VAL C 8 -25.84 7.40 -15.45
CA VAL C 8 -25.16 7.77 -16.69
C VAL C 8 -26.11 8.38 -17.68
N ALA C 9 -25.59 9.23 -18.55
CA ALA C 9 -26.35 9.84 -19.65
C ALA C 9 -25.61 9.57 -20.96
N ALA C 10 -26.37 9.23 -21.99
CA ALA C 10 -25.88 8.96 -23.32
C ALA C 10 -25.96 10.27 -24.12
N ILE C 11 -24.83 10.72 -24.63
CA ILE C 11 -24.77 11.87 -25.51
C ILE C 11 -24.24 11.46 -26.89
N GLY C 12 -25.10 11.64 -27.90
CA GLY C 12 -24.74 11.28 -29.27
C GLY C 12 -25.45 9.96 -29.55
N LEU C 13 -26.58 9.99 -30.25
CA LEU C 13 -27.38 8.75 -30.24
C LEU C 13 -27.43 8.12 -31.62
N GLY C 14 -26.26 7.99 -32.25
CA GLY C 14 -26.03 7.20 -33.43
C GLY C 14 -25.96 5.72 -33.15
N ARG C 15 -25.58 4.96 -34.16
CA ARG C 15 -25.42 3.53 -34.16
C ARG C 15 -24.59 3.07 -32.96
N TRP C 16 -23.39 3.60 -32.82
CA TRP C 16 -22.47 3.17 -31.78
C TRP C 16 -23.07 3.43 -30.41
N ALA C 17 -23.87 4.49 -30.23
CA ALA C 17 -24.52 4.66 -28.94
C ALA C 17 -25.36 3.47 -28.50
N TYR C 18 -26.03 2.80 -29.44
CA TYR C 18 -26.86 1.65 -29.16
C TYR C 18 -26.02 0.38 -28.91
N VAL C 19 -24.97 0.20 -29.68
CA VAL C 19 -24.06 -0.91 -29.40
C VAL C 19 -23.53 -0.79 -27.98
N ALA C 21 -24.90 0.86 -25.36
CA ALA C 21 -25.94 0.64 -24.36
C ALA C 21 -26.39 -0.81 -24.30
N ASP C 22 -26.42 -1.50 -25.43
CA ASP C 22 -26.72 -2.92 -25.44
C ASP C 22 -25.79 -3.66 -24.48
N ALA C 23 -24.53 -3.23 -24.40
CA ALA C 23 -23.65 -3.87 -23.43
C ALA C 23 -23.76 -3.29 -22.04
N TYR C 24 -23.67 -1.97 -21.86
CA TYR C 24 -23.48 -1.42 -20.52
C TYR C 24 -24.76 -1.48 -19.71
N THR C 25 -25.93 -1.52 -20.36
CA THR C 25 -27.13 -1.48 -19.49
C THR C 25 -27.33 -2.84 -18.84
N LYS C 26 -26.54 -3.84 -19.21
CA LYS C 26 -26.56 -5.11 -18.49
C LYS C 26 -25.94 -5.01 -17.09
N SER C 27 -25.17 -3.96 -16.85
CA SER C 27 -24.45 -3.77 -15.60
C SER C 27 -25.31 -3.32 -14.42
N GLU C 28 -25.12 -3.99 -13.31
CA GLU C 28 -25.64 -3.66 -11.99
C GLU C 28 -24.97 -2.43 -11.40
N LYS C 29 -23.86 -1.99 -12.01
CA LYS C 29 -23.09 -0.85 -11.53
C LYS C 29 -23.57 0.46 -12.14
N LEU C 30 -24.43 0.38 -13.15
CA LEU C 30 -24.85 1.51 -13.94
C LEU C 30 -26.38 1.62 -14.01
N LYS C 31 -26.84 2.85 -14.14
CA LYS C 31 -28.24 3.20 -14.39
C LYS C 31 -28.33 4.27 -15.47
N LEU C 32 -28.86 3.92 -16.63
CA LEU C 32 -29.10 4.93 -17.66
C LEU C 32 -30.31 5.79 -17.27
N VAL C 33 -30.05 7.06 -17.02
CA VAL C 33 -30.97 8.09 -16.61
C VAL C 33 -31.58 8.85 -17.77
N THR C 34 -30.74 9.37 -18.68
CA THR C 34 -31.26 10.17 -19.77
C THR C 34 -30.32 10.08 -20.96
N CYS C 35 -30.71 10.78 -22.02
CA CYS C 35 -29.98 10.86 -23.27
C CYS C 35 -30.21 12.20 -23.94
N TYR C 36 -29.23 12.58 -24.76
CA TYR C 36 -29.27 13.78 -25.58
C TYR C 36 -28.76 13.44 -26.99
N SER C 37 -29.42 13.98 -27.99
CA SER C 37 -29.06 14.16 -29.37
C SER C 37 -29.63 15.51 -29.83
N ARG C 38 -29.10 16.11 -30.89
CA ARG C 38 -29.69 17.37 -31.36
C ARG C 38 -31.09 17.13 -31.92
N THR C 39 -31.22 16.01 -32.64
CA THR C 39 -32.47 15.57 -33.24
C THR C 39 -33.39 14.88 -32.24
N GLU C 40 -34.56 15.47 -32.05
CA GLU C 40 -35.65 15.00 -31.21
C GLU C 40 -35.96 13.52 -31.48
N ASP C 41 -36.04 13.17 -32.76
CA ASP C 41 -36.33 11.80 -33.15
C ASP C 41 -35.23 10.88 -32.65
N LYS C 42 -33.98 11.30 -32.78
CA LYS C 42 -32.90 10.45 -32.26
C LYS C 42 -33.10 10.23 -30.77
N ARG C 43 -33.54 11.26 -30.02
CA ARG C 43 -33.73 11.05 -28.59
CA ARG C 43 -33.75 11.10 -28.60
C ARG C 43 -34.97 10.20 -28.37
N GLU C 44 -35.94 10.37 -29.26
CA GLU C 44 -37.17 9.58 -29.22
C GLU C 44 -36.88 8.08 -29.11
N LYS C 45 -36.24 7.58 -30.15
CA LYS C 45 -35.96 6.17 -30.37
C LYS C 45 -35.13 5.63 -29.21
N PHE C 46 -34.04 6.32 -28.89
CA PHE C 46 -33.12 5.80 -27.86
C PHE C 46 -33.81 5.65 -26.52
N GLY C 47 -34.45 6.73 -26.04
CA GLY C 47 -35.09 6.68 -24.74
C GLY C 47 -36.16 5.63 -24.65
N LYS C 48 -36.84 5.33 -25.75
CA LYS C 48 -37.87 4.28 -25.69
C LYS C 48 -37.19 2.92 -25.60
N ARG C 49 -36.24 2.68 -26.51
CA ARG C 49 -35.45 1.46 -26.54
C ARG C 49 -34.89 1.10 -25.18
N TYR C 50 -34.22 2.06 -24.53
CA TYR C 50 -33.55 1.74 -23.26
C TYR C 50 -34.37 2.27 -22.12
N ASN C 51 -35.52 2.89 -22.41
CA ASN C 51 -36.36 3.40 -21.32
C ASN C 51 -35.68 4.34 -20.33
N CYS C 52 -35.15 5.44 -20.84
CA CYS C 52 -34.64 6.47 -19.94
C CYS C 52 -35.36 7.77 -20.32
N ALA C 53 -34.94 8.90 -19.76
CA ALA C 53 -35.41 10.20 -20.18
C ALA C 53 -34.65 10.65 -21.42
N GLY C 54 -35.15 11.68 -22.05
CA GLY C 54 -34.50 12.40 -23.15
C GLY C 54 -34.50 13.87 -22.75
N ASP C 55 -33.43 14.60 -23.10
CA ASP C 55 -33.41 16.01 -22.72
C ASP C 55 -33.33 16.85 -23.98
N ALA C 56 -34.11 17.93 -24.04
CA ALA C 56 -34.14 18.79 -25.21
C ALA C 56 -32.85 19.59 -25.37
N THR C 57 -32.17 19.86 -24.25
CA THR C 57 -30.98 20.70 -24.29
C THR C 57 -29.88 20.09 -23.42
N GLU C 59 -28.10 21.60 -21.34
CA GLU C 59 -28.22 22.21 -20.02
C GLU C 59 -29.16 21.41 -19.15
N ALA C 60 -30.20 20.89 -19.76
CA ALA C 60 -31.29 20.18 -19.10
C ALA C 60 -30.73 18.84 -18.61
N LEU C 61 -29.87 18.26 -19.45
CA LEU C 61 -29.22 16.99 -19.08
C LEU C 61 -28.28 17.25 -17.92
N LEU C 62 -27.47 18.29 -18.03
CA LEU C 62 -26.43 18.50 -17.02
C LEU C 62 -27.01 18.92 -15.69
N ALA C 63 -28.23 19.44 -15.71
CA ALA C 63 -28.92 19.84 -14.48
C ALA C 63 -29.39 18.65 -13.66
N ARG C 64 -29.42 17.46 -14.22
CA ARG C 64 -29.76 16.28 -13.43
C ARG C 64 -28.65 15.82 -12.50
N GLU C 65 -28.94 15.77 -11.20
CA GLU C 65 -27.97 15.49 -10.17
C GLU C 65 -27.66 14.00 -10.12
N ASP C 66 -28.54 13.17 -10.68
CA ASP C 66 -28.33 11.74 -10.71
C ASP C 66 -27.58 11.37 -11.98
N VAL C 67 -27.27 12.34 -12.85
CA VAL C 67 -26.31 12.02 -13.92
C VAL C 67 -24.90 12.26 -13.37
N GLU C 68 -24.18 11.17 -13.13
CA GLU C 68 -22.83 11.25 -12.57
C GLU C 68 -21.76 11.19 -13.66
N VAL C 70 -21.18 10.94 -18.11
CA VAL C 70 -21.70 10.96 -19.48
C VAL C 70 -20.91 9.98 -20.36
N ILE C 71 -21.64 9.44 -21.33
CA ILE C 71 -21.10 8.46 -22.30
C ILE C 71 -21.21 9.11 -23.67
N ILE C 72 -20.11 9.65 -24.17
CA ILE C 72 -20.04 10.51 -25.32
C ILE C 72 -19.67 9.74 -26.58
N THR C 73 -20.62 9.63 -27.48
CA THR C 73 -20.47 8.93 -28.75
C THR C 73 -20.87 9.86 -29.89
N VAL C 74 -20.33 11.06 -29.87
CA VAL C 74 -20.54 12.12 -30.86
C VAL C 74 -19.38 12.11 -31.85
N PRO C 75 -19.46 12.82 -32.96
CA PRO C 75 -18.34 12.83 -33.90
C PRO C 75 -17.03 13.33 -33.31
N ASN C 76 -15.90 12.75 -33.79
CA ASN C 76 -14.60 13.03 -33.20
C ASN C 76 -14.27 14.50 -33.04
N ASP C 77 -14.78 15.35 -33.90
CA ASP C 77 -14.43 16.76 -33.89
C ASP C 77 -15.31 17.52 -32.88
N LYS C 78 -16.31 16.85 -32.35
CA LYS C 78 -17.14 17.43 -31.31
C LYS C 78 -16.79 16.91 -29.92
N HIS C 79 -15.82 16.00 -29.82
CA HIS C 79 -15.48 15.46 -28.50
C HIS C 79 -15.05 16.55 -27.52
N ALA C 80 -14.20 17.45 -27.97
CA ALA C 80 -13.58 18.48 -27.15
C ALA C 80 -14.61 19.42 -26.53
N GLU C 81 -15.46 20.04 -27.34
CA GLU C 81 -16.43 20.97 -26.74
C GLU C 81 -17.45 20.21 -25.91
N VAL C 82 -17.79 18.97 -26.28
CA VAL C 82 -18.80 18.29 -25.46
C VAL C 82 -18.21 17.89 -24.12
N ILE C 83 -17.00 17.35 -24.14
CA ILE C 83 -16.28 17.06 -22.89
C ILE C 83 -16.12 18.31 -22.06
N GLU C 84 -15.76 19.43 -22.65
CA GLU C 84 -15.56 20.65 -21.85
C GLU C 84 -16.87 21.04 -21.15
N GLN C 85 -17.97 21.05 -21.90
CA GLN C 85 -19.25 21.41 -21.28
C GLN C 85 -19.63 20.43 -20.19
N CYS C 86 -19.45 19.13 -20.39
CA CYS C 86 -19.85 18.18 -19.34
C CYS C 86 -18.92 18.22 -18.14
N ALA C 87 -17.60 18.26 -18.38
CA ALA C 87 -16.67 18.29 -17.26
C ALA C 87 -16.83 19.56 -16.44
N ARG C 88 -17.13 20.69 -17.08
CA ARG C 88 -17.29 21.91 -16.28
C ARG C 88 -18.57 21.88 -15.45
N SER C 89 -19.51 21.00 -15.77
CA SER C 89 -20.66 20.79 -14.90
C SER C 89 -20.44 19.65 -13.92
N GLY C 90 -19.21 19.17 -13.80
CA GLY C 90 -18.86 18.20 -12.79
C GLY C 90 -19.13 16.76 -13.18
N LYS C 91 -19.50 16.52 -14.45
CA LYS C 91 -19.73 15.12 -14.84
C LYS C 91 -18.44 14.41 -15.22
N HIS C 92 -18.31 13.19 -14.71
CA HIS C 92 -17.25 12.24 -15.10
C HIS C 92 -17.46 11.84 -16.55
N ILE C 93 -16.37 11.50 -17.26
CA ILE C 93 -16.40 11.43 -18.70
C ILE C 93 -16.01 10.04 -19.22
N TYR C 94 -16.88 9.44 -20.00
CA TYR C 94 -16.54 8.38 -20.94
C TYR C 94 -16.66 9.02 -22.33
N VAL C 95 -15.60 8.87 -23.13
CA VAL C 95 -15.64 9.27 -24.52
C VAL C 95 -15.09 8.12 -25.39
N GLU C 96 -15.72 7.93 -26.54
CA GLU C 96 -15.30 6.88 -27.45
C GLU C 96 -13.95 7.28 -28.04
N LYS C 97 -13.24 6.27 -28.53
CA LYS C 97 -11.95 6.46 -29.12
C LYS C 97 -11.95 7.22 -30.49
N PRO C 98 -11.05 7.98 -31.13
CA PRO C 98 -9.72 8.69 -30.90
C PRO C 98 -10.31 9.68 -29.89
N ILE C 99 -9.52 10.09 -28.92
CA ILE C 99 -9.83 11.22 -28.06
C ILE C 99 -10.31 12.39 -28.91
N SER C 100 -9.67 12.60 -30.05
CA SER C 100 -10.02 13.58 -31.05
C SER C 100 -9.24 13.29 -32.33
N VAL C 101 -9.43 14.03 -33.39
CA VAL C 101 -8.51 13.90 -34.53
C VAL C 101 -7.52 15.04 -34.60
N SER C 102 -7.69 16.12 -33.83
CA SER C 102 -6.62 17.13 -33.89
C SER C 102 -5.90 17.25 -32.55
N LEU C 103 -4.62 17.63 -32.61
CA LEU C 103 -3.84 17.76 -31.37
C LEU C 103 -4.45 18.82 -30.44
N ASP C 104 -4.87 19.92 -31.04
CA ASP C 104 -5.41 21.06 -30.30
C ASP C 104 -6.53 20.61 -29.35
N HIS C 105 -7.48 19.89 -29.91
CA HIS C 105 -8.63 19.31 -29.24
C HIS C 105 -8.19 18.32 -28.18
N ALA C 106 -7.18 17.50 -28.51
CA ALA C 106 -6.74 16.52 -27.50
C ALA C 106 -6.20 17.30 -26.32
N GLN C 107 -5.46 18.38 -26.62
CA GLN C 107 -4.88 19.21 -25.55
C GLN C 107 -5.98 19.89 -24.75
N ARG C 108 -7.05 20.33 -25.41
CA ARG C 108 -8.13 20.97 -24.67
C ARG C 108 -8.73 19.96 -23.69
N ILE C 109 -8.81 18.70 -24.08
CA ILE C 109 -9.48 17.70 -23.27
C ILE C 109 -8.61 17.34 -22.08
N ASP C 110 -7.30 17.18 -22.29
CA ASP C 110 -6.40 16.95 -21.16
C ASP C 110 -6.52 18.10 -20.16
N GLN C 111 -6.57 19.32 -20.67
CA GLN C 111 -6.55 20.49 -19.79
C GLN C 111 -7.81 20.62 -18.94
N VAL C 112 -8.96 20.44 -19.60
CA VAL C 112 -10.23 20.56 -18.82
C VAL C 112 -10.40 19.44 -17.83
N ILE C 113 -9.87 18.24 -18.09
CA ILE C 113 -9.89 17.16 -17.11
C ILE C 113 -8.93 17.49 -15.96
N LYS C 114 -7.74 18.01 -16.29
CA LYS C 114 -6.86 18.47 -15.22
C LYS C 114 -7.56 19.50 -14.36
N GLU C 115 -8.04 20.57 -14.99
CA GLU C 115 -8.76 21.65 -14.35
C GLU C 115 -9.86 21.13 -13.41
N THR C 116 -10.81 20.39 -13.99
CA THR C 116 -12.00 20.00 -13.24
C THR C 116 -11.77 18.82 -12.31
N GLY C 117 -10.81 17.96 -12.58
CA GLY C 117 -10.57 16.80 -11.73
C GLY C 117 -11.56 15.68 -11.82
N VAL C 118 -12.46 15.67 -12.82
CA VAL C 118 -13.33 14.52 -13.05
C VAL C 118 -12.56 13.34 -13.59
N LYS C 119 -13.00 12.13 -13.37
CA LYS C 119 -12.63 10.87 -13.94
C LYS C 119 -12.88 10.95 -15.45
N PHE C 120 -11.96 10.34 -16.18
CA PHE C 120 -11.96 10.32 -17.64
C PHE C 120 -11.49 8.97 -18.14
N LEU C 121 -12.22 8.40 -19.08
CA LEU C 121 -11.77 7.25 -19.87
C LEU C 121 -12.04 7.56 -21.35
N CYS C 122 -11.02 7.35 -22.18
CA CYS C 122 -11.22 7.34 -23.64
C CYS C 122 -11.23 5.88 -24.05
N GLY C 123 -12.34 5.32 -24.47
CA GLY C 123 -12.59 3.94 -24.67
C GLY C 123 -11.95 3.32 -25.89
N HIS C 124 -10.74 2.77 -25.71
CA HIS C 124 -10.08 1.81 -26.58
C HIS C 124 -10.26 0.41 -25.99
N SER C 125 -11.29 -0.34 -26.41
CA SER C 125 -11.67 -1.50 -25.60
C SER C 125 -10.98 -2.78 -26.00
N SER C 126 -10.28 -2.79 -27.13
CA SER C 126 -9.57 -3.98 -27.59
C SER C 126 -8.60 -4.54 -26.56
N ARG C 127 -7.91 -3.66 -25.82
CA ARG C 127 -6.92 -4.07 -24.84
C ARG C 127 -7.61 -4.85 -23.70
N ARG C 128 -8.91 -4.69 -23.58
CA ARG C 128 -9.68 -5.36 -22.54
C ARG C 128 -10.05 -6.79 -22.88
N LEU C 129 -9.98 -7.16 -24.17
CA LEU C 129 -10.33 -8.50 -24.58
C LEU C 129 -9.51 -9.52 -23.78
N GLY C 130 -10.08 -10.69 -23.51
CA GLY C 130 -9.34 -11.70 -22.73
C GLY C 130 -8.07 -12.06 -23.48
N ALA C 131 -8.11 -12.04 -24.80
CA ALA C 131 -6.92 -12.39 -25.58
C ALA C 131 -5.83 -11.36 -25.37
N LEU C 132 -6.14 -10.06 -25.36
CA LEU C 132 -5.07 -9.08 -25.20
C LEU C 132 -4.50 -9.09 -23.79
N ARG C 133 -5.39 -9.32 -22.83
CA ARG C 133 -5.00 -9.50 -21.42
C ARG C 133 -4.05 -10.70 -21.26
N LYS C 134 -4.32 -11.78 -21.96
CA LYS C 134 -3.50 -12.99 -21.84
C LYS C 134 -2.16 -12.72 -22.49
N LYS C 136 -0.62 -9.96 -22.79
CA LYS C 136 0.06 -9.06 -21.91
C LYS C 136 0.74 -9.85 -20.79
N GLU C 137 -0.01 -10.76 -20.20
CA GLU C 137 0.52 -11.65 -19.17
C GLU C 137 1.72 -12.42 -19.69
N ILE C 139 3.73 -11.81 -22.11
CA ILE C 139 4.86 -10.92 -22.33
C ILE C 139 5.44 -10.46 -21.00
N ASP C 140 4.62 -10.12 -20.02
CA ASP C 140 5.18 -9.49 -18.82
C ASP C 140 5.96 -10.48 -17.97
N THR C 141 5.46 -11.70 -17.88
CA THR C 141 6.08 -12.79 -17.15
C THR C 141 7.25 -13.34 -17.96
N LYS C 142 7.41 -12.92 -19.22
CA LYS C 142 8.52 -13.46 -20.01
C LYS C 142 8.32 -14.91 -20.39
N GLU C 143 7.07 -15.36 -20.43
CA GLU C 143 6.71 -16.72 -20.78
C GLU C 143 7.24 -16.98 -22.20
N ILE C 144 7.10 -15.97 -23.07
CA ILE C 144 7.56 -16.13 -24.45
C ILE C 144 8.98 -15.63 -24.66
N GLY C 145 9.66 -15.32 -23.57
CA GLY C 145 11.00 -14.77 -23.56
C GLY C 145 10.85 -13.26 -23.78
N GLU C 146 11.84 -12.66 -24.40
CA GLU C 146 11.83 -11.23 -24.68
C GLU C 146 11.29 -10.94 -26.09
N VAL C 147 10.45 -9.91 -26.16
CA VAL C 147 9.89 -9.48 -27.44
C VAL C 147 10.86 -8.62 -28.24
N SER C 148 10.97 -8.91 -29.51
CA SER C 148 11.78 -8.17 -30.46
C SER C 148 10.88 -7.22 -31.27
N SER C 149 9.89 -7.82 -31.91
CA SER C 149 8.99 -7.06 -32.79
C SER C 149 7.56 -7.60 -32.72
N ILE C 150 6.63 -6.75 -33.18
CA ILE C 150 5.23 -7.09 -33.29
C ILE C 150 4.72 -6.63 -34.65
N GLU C 151 3.79 -7.41 -35.24
CA GLU C 151 3.14 -7.00 -36.48
C GLU C 151 1.62 -6.98 -36.23
N ALA C 152 0.99 -5.86 -36.44
CA ALA C 152 -0.43 -5.67 -36.18
C ALA C 152 -1.12 -5.29 -37.49
N VAL C 153 -2.32 -5.78 -37.73
CA VAL C 153 -3.02 -5.43 -38.97
C VAL C 153 -4.48 -5.15 -38.63
N PHE C 154 -5.05 -4.13 -39.24
CA PHE C 154 -6.50 -3.92 -39.11
C PHE C 154 -6.93 -3.40 -40.50
N SER C 155 -7.75 -4.22 -41.16
CA SER C 155 -8.21 -3.91 -42.50
CA SER C 155 -8.22 -3.91 -42.49
C SER C 155 -9.66 -4.35 -42.71
N ASN C 156 -10.27 -3.70 -43.69
CA ASN C 156 -11.60 -4.07 -44.21
C ASN C 156 -11.76 -3.38 -45.56
N GLU C 157 -12.90 -3.61 -46.20
CA GLU C 157 -13.06 -3.20 -47.60
C GLU C 157 -13.77 -1.87 -47.70
N ARG C 158 -13.79 -1.10 -46.61
CA ARG C 158 -14.54 0.16 -46.63
C ARG C 158 -14.24 1.10 -47.79
N GLY C 159 -12.96 1.21 -48.15
CA GLY C 159 -12.54 2.17 -49.16
C GLY C 159 -13.07 1.90 -50.56
N LEU C 160 -13.36 0.65 -50.83
CA LEU C 160 -13.72 0.12 -52.12
C LEU C 160 -15.12 0.66 -52.52
N GLU C 161 -15.92 0.92 -51.51
CA GLU C 161 -17.31 1.31 -51.71
C GLU C 161 -17.55 2.80 -51.43
N LEU C 162 -16.62 3.41 -50.71
CA LEU C 162 -16.66 4.82 -50.36
C LEU C 162 -16.83 5.68 -51.61
N LYS C 163 -18.03 6.21 -51.88
CA LYS C 163 -18.12 7.06 -53.07
C LYS C 163 -17.63 8.47 -52.72
N LYS C 164 -17.18 9.18 -53.76
CA LYS C 164 -16.66 10.53 -53.65
C LYS C 164 -17.65 11.50 -52.98
N GLY C 165 -17.28 11.94 -51.78
CA GLY C 165 -17.97 12.82 -50.89
C GLY C 165 -18.09 12.34 -49.47
N ASN C 166 -18.09 11.03 -49.21
CA ASN C 166 -18.23 10.56 -47.83
C ASN C 166 -17.14 11.15 -46.94
N TRP C 167 -17.45 11.35 -45.67
CA TRP C 167 -16.58 11.94 -44.68
C TRP C 167 -15.32 11.14 -44.38
N ARG C 168 -15.36 9.84 -44.66
CA ARG C 168 -14.16 9.03 -44.36
C ARG C 168 -13.09 9.31 -45.40
N GLY C 169 -13.51 9.93 -46.51
CA GLY C 169 -12.63 10.31 -47.60
C GLY C 169 -11.99 11.66 -47.45
N GLU C 170 -12.24 12.37 -46.34
CA GLU C 170 -11.67 13.68 -46.13
CA GLU C 170 -11.68 13.69 -46.13
C GLU C 170 -10.57 13.58 -45.07
N PRO C 171 -9.35 13.92 -45.45
CA PRO C 171 -8.24 13.83 -44.48
C PRO C 171 -8.47 14.49 -43.14
N ALA C 172 -9.00 15.71 -43.10
CA ALA C 172 -9.19 16.39 -41.82
C ALA C 172 -10.04 15.60 -40.84
N THR C 173 -11.01 14.82 -41.34
CA THR C 173 -11.89 14.09 -40.43
CA THR C 173 -11.82 14.12 -40.31
C THR C 173 -11.40 12.68 -40.14
N ALA C 174 -10.63 12.13 -41.08
CA ALA C 174 -10.10 10.77 -40.93
C ALA C 174 -8.63 10.74 -41.34
N PRO C 175 -7.77 11.29 -40.52
CA PRO C 175 -6.34 11.31 -40.87
C PRO C 175 -5.78 9.90 -41.10
N GLY C 176 -5.08 9.78 -42.21
CA GLY C 176 -4.48 8.57 -42.71
C GLY C 176 -5.51 7.54 -43.10
N GLY C 177 -6.77 7.97 -43.26
CA GLY C 177 -7.83 7.04 -43.65
C GLY C 177 -8.08 5.98 -42.60
N PRO C 178 -7.85 4.72 -42.92
CA PRO C 178 -8.04 3.64 -41.95
C PRO C 178 -7.09 3.81 -40.77
N LEU C 179 -6.02 4.58 -40.92
CA LEU C 179 -5.10 4.72 -39.77
C LEU C 179 -5.79 5.24 -38.52
N THR C 180 -6.72 6.20 -38.71
CA THR C 180 -7.50 6.67 -37.57
C THR C 180 -8.57 5.67 -37.14
N GLN C 181 -9.49 5.33 -38.03
CA GLN C 181 -10.67 4.54 -37.70
C GLN C 181 -10.31 3.14 -37.22
N LEU C 182 -9.30 2.54 -37.86
CA LEU C 182 -8.89 1.17 -37.58
C LEU C 182 -7.60 1.23 -36.78
N GLY C 183 -6.62 1.99 -37.19
CA GLY C 183 -5.30 1.93 -36.60
C GLY C 183 -5.25 2.31 -35.14
N VAL C 184 -6.14 3.22 -34.69
CA VAL C 184 -5.99 3.67 -33.29
C VAL C 184 -6.20 2.54 -32.31
N HIS C 185 -7.02 1.55 -32.72
CA HIS C 185 -7.22 0.35 -31.92
C HIS C 185 -5.90 -0.41 -31.72
N GLN C 186 -5.23 -0.65 -32.85
CA GLN C 186 -3.95 -1.37 -32.79
C GLN C 186 -2.83 -0.53 -32.22
N ILE C 187 -2.80 0.78 -32.48
CA ILE C 187 -1.87 1.66 -31.79
C ILE C 187 -2.00 1.58 -30.27
N ASP C 188 -3.23 1.58 -29.77
CA ASP C 188 -3.44 1.40 -28.33
C ASP C 188 -2.99 0.00 -27.92
N ASN C 189 -3.35 -1.04 -28.67
CA ASN C 189 -2.87 -2.37 -28.31
C ASN C 189 -1.36 -2.40 -28.23
N LEU C 190 -0.67 -1.76 -29.16
CA LEU C 190 0.79 -1.80 -29.23
C LEU C 190 1.46 -1.12 -28.04
N GLN C 191 0.93 0.03 -27.62
CA GLN C 191 1.54 0.71 -26.47
C GLN C 191 1.08 0.09 -25.16
N PHE C 192 -0.09 -0.54 -25.13
CA PHE C 192 -0.50 -1.35 -23.99
C PHE C 192 0.47 -2.52 -23.76
N LEU C 193 0.80 -3.20 -24.86
CA LEU C 193 1.67 -4.37 -24.80
C LEU C 193 3.13 -4.01 -24.55
N LEU C 194 3.64 -2.98 -25.21
CA LEU C 194 5.05 -2.65 -25.18
C LEU C 194 5.46 -1.29 -24.63
N GLY C 195 4.56 -0.40 -24.23
CA GLY C 195 4.96 0.90 -23.76
C GLY C 195 5.03 1.92 -24.91
N PRO C 196 5.45 3.14 -24.60
CA PRO C 196 5.33 4.26 -25.52
C PRO C 196 6.22 4.22 -26.76
N VAL C 197 5.61 4.58 -27.88
CA VAL C 197 6.30 4.71 -29.16
C VAL C 197 7.22 5.92 -29.14
N ALA C 198 8.41 5.80 -29.70
CA ALA C 198 9.34 6.91 -29.82
C ALA C 198 9.27 7.61 -31.16
N ARG C 199 9.16 6.88 -32.25
CA ARG C 199 9.18 7.40 -33.59
C ARG C 199 8.41 6.50 -34.57
N VAL C 200 7.99 7.09 -35.68
CA VAL C 200 7.11 6.55 -36.69
CA VAL C 200 7.22 6.36 -36.67
C VAL C 200 7.65 6.77 -38.10
N PHE C 201 7.46 5.80 -38.99
CA PHE C 201 7.64 6.01 -40.42
C PHE C 201 6.40 5.40 -41.11
N ASN C 202 5.87 6.10 -42.11
CA ASN C 202 4.74 5.52 -42.85
C ASN C 202 4.88 5.71 -44.35
N PHE C 203 4.50 4.68 -45.12
CA PHE C 203 4.18 4.79 -46.53
C PHE C 203 2.65 4.64 -46.66
N GLY C 204 1.98 5.53 -47.38
CA GLY C 204 0.53 5.28 -47.54
C GLY C 204 -0.06 6.17 -48.61
N LYS C 205 -1.17 5.70 -49.19
CA LYS C 205 -1.81 6.44 -50.28
C LYS C 205 -3.22 5.93 -50.56
N PRO C 206 -4.01 6.71 -51.32
CA PRO C 206 -5.28 6.15 -51.79
C PRO C 206 -5.04 4.99 -52.73
N TYR C 208 -7.46 2.01 -55.03
CA TYR C 208 -8.65 1.26 -55.40
C TYR C 208 -9.87 1.98 -54.84
N THR C 209 -9.87 3.32 -54.93
CA THR C 209 -10.96 4.06 -54.30
C THR C 209 -11.31 5.32 -55.08
N GLU C 210 -12.54 5.80 -54.85
CA GLU C 210 -12.98 7.08 -55.42
C GLU C 210 -12.70 8.22 -54.47
N VAL C 211 -12.26 7.98 -53.23
CA VAL C 211 -12.09 9.09 -52.30
C VAL C 211 -10.67 9.66 -52.38
N GLU C 212 -10.49 10.86 -51.85
CA GLU C 212 -9.21 11.55 -51.93
C GLU C 212 -8.30 11.17 -50.75
N ASN C 213 -8.83 10.44 -49.78
CA ASN C 213 -7.97 10.13 -48.64
C ASN C 213 -7.07 8.91 -48.88
N ILE C 214 -6.03 8.82 -48.05
CA ILE C 214 -5.25 7.56 -47.97
C ILE C 214 -6.20 6.42 -47.68
N THR C 215 -6.06 5.25 -48.29
CA THR C 215 -6.80 4.08 -47.88
C THR C 215 -5.94 2.86 -47.53
N VAL C 216 -4.62 3.01 -47.69
CA VAL C 216 -3.67 1.92 -47.45
C VAL C 216 -2.41 2.51 -46.83
N ASN C 217 -2.04 2.05 -45.65
CA ASN C 217 -0.86 2.46 -44.94
C ASN C 217 -0.06 1.20 -44.51
N GLN C 218 1.25 1.36 -44.50
CA GLN C 218 2.15 0.47 -43.77
C GLN C 218 3.03 1.40 -42.91
N THR C 219 3.01 1.15 -41.61
CA THR C 219 3.65 2.04 -40.65
C THR C 219 4.67 1.24 -39.83
N LEU C 220 5.86 1.80 -39.71
CA LEU C 220 6.85 1.28 -38.78
C LEU C 220 6.94 2.18 -37.55
N LEU C 221 7.10 1.55 -36.41
CA LEU C 221 7.27 2.16 -35.10
CA LEU C 221 7.26 2.15 -35.10
C LEU C 221 8.53 1.63 -34.43
N GLU C 222 9.24 2.52 -33.73
CA GLU C 222 10.30 2.14 -32.81
C GLU C 222 9.86 2.63 -31.42
N PHE C 223 9.97 1.78 -30.43
CA PHE C 223 9.55 2.03 -29.06
C PHE C 223 10.66 2.75 -28.29
N GLU C 224 10.29 3.36 -27.15
CA GLU C 224 11.29 4.07 -26.36
C GLU C 224 12.36 3.10 -25.84
N ASP C 225 11.99 1.84 -25.66
CA ASP C 225 12.98 0.85 -25.23
C ASP C 225 13.68 0.11 -26.37
N GLY C 226 13.51 0.50 -27.62
CA GLY C 226 14.21 -0.15 -28.70
C GLY C 226 13.45 -1.21 -29.47
N LYS C 227 12.35 -1.69 -28.91
CA LYS C 227 11.55 -2.75 -29.55
C LYS C 227 10.90 -2.14 -30.78
N GLN C 228 10.38 -2.97 -31.69
CA GLN C 228 9.87 -2.44 -32.94
C GLN C 228 8.49 -3.00 -33.29
N ALA C 229 7.74 -2.27 -34.10
CA ALA C 229 6.46 -2.81 -34.57
C ALA C 229 6.16 -2.29 -35.99
N TYR C 230 5.35 -3.10 -36.68
CA TYR C 230 4.72 -2.86 -37.95
C TYR C 230 3.20 -2.73 -37.74
N LEU C 231 2.59 -1.74 -38.37
CA LEU C 231 1.14 -1.64 -38.39
C LEU C 231 0.65 -1.47 -39.83
N GLY C 232 -0.15 -2.38 -40.32
CA GLY C 232 -0.79 -2.27 -41.62
C GLY C 232 -2.25 -1.91 -41.43
N THR C 233 -2.71 -0.87 -42.13
CA THR C 233 -4.11 -0.43 -42.07
C THR C 233 -4.57 -0.31 -43.52
N ASN C 234 -5.67 -0.93 -43.90
CA ASN C 234 -6.00 -1.08 -45.31
C ASN C 234 -7.51 -1.03 -45.47
N TRP C 235 -8.00 -0.24 -46.41
CA TRP C 235 -9.45 -0.10 -46.62
C TRP C 235 -9.85 -0.72 -47.95
N ALA C 236 -8.99 -1.58 -48.47
CA ALA C 236 -9.09 -2.10 -49.83
C ALA C 236 -9.06 -3.62 -49.92
N CYS C 237 -9.43 -4.30 -48.81
CA CYS C 237 -9.44 -5.76 -48.80
C CYS C 237 -10.37 -6.36 -47.78
N PRO C 238 -10.68 -7.65 -47.89
CA PRO C 238 -11.50 -8.28 -46.85
C PRO C 238 -10.92 -8.13 -45.44
N GLY C 239 -11.82 -8.16 -44.45
CA GLY C 239 -11.47 -7.85 -43.07
C GLY C 239 -10.42 -8.77 -42.46
N VAL C 240 -9.44 -8.15 -41.81
CA VAL C 240 -8.39 -8.84 -41.07
C VAL C 240 -8.13 -8.00 -39.81
N PHE C 241 -8.00 -8.69 -38.69
CA PHE C 241 -7.53 -8.11 -37.43
C PHE C 241 -6.55 -9.14 -36.86
N SER C 242 -5.27 -8.78 -36.88
CA SER C 242 -4.25 -9.72 -36.39
C SER C 242 -3.14 -9.01 -35.62
N ILE C 243 -2.48 -9.78 -34.74
CA ILE C 243 -1.33 -9.35 -33.99
C ILE C 243 -0.38 -10.56 -33.90
N ASN C 244 0.85 -10.35 -34.32
CA ASN C 244 1.89 -11.37 -34.26
C ASN C 244 2.96 -10.76 -33.35
N VAL C 245 3.35 -11.50 -32.35
CA VAL C 245 4.37 -11.12 -31.39
C VAL C 245 5.52 -12.16 -31.49
N TYR C 246 6.72 -11.66 -31.69
CA TYR C 246 7.91 -12.49 -31.84
C TYR C 246 8.74 -12.37 -30.56
N GLY C 247 8.95 -13.50 -29.91
CA GLY C 247 9.65 -13.61 -28.64
C GLY C 247 10.84 -14.53 -28.77
N THR C 248 11.79 -14.42 -27.82
CA THR C 248 13.03 -15.21 -27.98
C THR C 248 12.79 -16.67 -27.66
N LYS C 249 11.75 -16.99 -26.91
CA LYS C 249 11.35 -18.36 -26.60
CA LYS C 249 11.40 -18.40 -26.68
C LYS C 249 10.12 -18.83 -27.37
N ALA C 250 9.29 -17.87 -27.82
CA ALA C 250 8.01 -18.28 -28.43
C ALA C 250 7.40 -17.12 -29.22
N ASN C 251 6.62 -17.46 -30.25
CA ASN C 251 5.86 -16.42 -30.96
C ASN C 251 4.36 -16.59 -30.70
N LEU C 252 3.63 -15.48 -30.69
CA LEU C 252 2.18 -15.53 -30.61
C LEU C 252 1.54 -15.02 -31.91
N PHE C 253 0.52 -15.71 -32.33
CA PHE C 253 -0.27 -15.33 -33.51
C PHE C 253 -1.75 -15.24 -33.12
N TYR C 254 -2.29 -14.04 -33.16
CA TYR C 254 -3.67 -13.73 -32.82
C TYR C 254 -4.41 -13.25 -34.07
N GLN C 255 -5.62 -13.76 -34.23
CA GLN C 255 -6.58 -13.39 -35.25
C GLN C 255 -7.94 -13.13 -34.62
N LEU C 256 -8.60 -12.05 -34.99
CA LEU C 256 -9.97 -11.80 -34.53
C LEU C 256 -10.93 -11.60 -35.70
N ASP C 257 -12.15 -12.14 -35.60
CA ASP C 257 -13.21 -11.86 -36.55
C ASP C 257 -13.93 -10.61 -36.06
N PHE C 258 -13.55 -9.47 -36.60
CA PHE C 258 -14.02 -8.17 -36.14
C PHE C 258 -15.54 -7.99 -36.30
N SER C 259 -16.15 -8.88 -37.06
CA SER C 259 -17.59 -8.84 -37.29
C SER C 259 -18.31 -9.13 -35.99
N TRP C 260 -17.65 -9.74 -35.01
CA TRP C 260 -18.25 -9.98 -33.70
C TRP C 260 -17.89 -8.95 -32.63
N TRP C 261 -17.27 -7.86 -33.01
CA TRP C 261 -16.93 -6.77 -32.13
C TRP C 261 -18.12 -6.26 -31.30
N SER C 262 -19.22 -5.98 -31.97
CA SER C 262 -20.40 -5.42 -31.30
C SER C 262 -21.04 -6.39 -30.31
N ASN C 263 -20.93 -7.68 -30.57
CA ASN C 263 -21.42 -8.73 -29.70
C ASN C 263 -20.42 -9.00 -28.56
N SER C 264 -20.26 -7.99 -27.70
CA SER C 264 -19.10 -7.77 -26.85
C SER C 264 -18.91 -8.88 -25.81
N ASP C 265 -19.95 -9.55 -25.32
CA ASP C 265 -19.68 -10.62 -24.38
C ASP C 265 -19.15 -11.91 -25.01
N VAL C 266 -19.18 -12.02 -26.31
CA VAL C 266 -18.67 -13.22 -26.99
C VAL C 266 -17.60 -12.94 -28.04
N THR C 267 -17.13 -11.71 -28.14
CA THR C 267 -16.12 -11.33 -29.11
C THR C 267 -14.88 -12.23 -29.02
N ASP C 268 -14.43 -12.46 -27.78
CA ASP C 268 -13.24 -13.32 -27.63
C ASP C 268 -13.42 -14.73 -28.19
N GLU C 269 -14.65 -15.23 -28.26
CA GLU C 269 -14.87 -16.58 -28.74
C GLU C 269 -14.67 -16.66 -30.25
N HIS C 270 -14.69 -15.51 -30.91
CA HIS C 270 -14.46 -15.45 -32.35
C HIS C 270 -13.04 -14.94 -32.65
N SER C 271 -12.11 -15.48 -31.85
CA SER C 271 -10.68 -15.17 -32.02
C SER C 271 -9.89 -16.44 -31.75
N THR C 272 -8.62 -16.47 -32.16
CA THR C 272 -7.76 -17.60 -31.94
C THR C 272 -6.38 -17.01 -31.53
N LEU C 273 -5.78 -17.64 -30.56
CA LEU C 273 -4.41 -17.26 -30.17
C LEU C 273 -3.56 -18.53 -30.26
N ILE C 274 -2.46 -18.45 -30.98
CA ILE C 274 -1.63 -19.67 -31.13
C ILE C 274 -0.24 -19.29 -30.68
N LYS C 275 0.40 -20.17 -29.92
CA LYS C 275 1.77 -20.07 -29.47
C LYS C 275 2.66 -21.02 -30.28
N ARG C 276 3.71 -20.46 -30.85
CA ARG C 276 4.70 -21.25 -31.58
C ARG C 276 5.95 -21.35 -30.72
N GLU C 277 6.34 -22.56 -30.29
CA GLU C 277 7.44 -22.64 -29.34
C GLU C 277 8.33 -23.82 -29.68
N PHE C 278 9.52 -23.87 -29.12
CA PHE C 278 10.39 -25.03 -29.31
C PHE C 278 9.80 -26.18 -28.51
N ALA C 279 9.76 -27.33 -29.13
CA ALA C 279 9.31 -28.59 -28.54
C ALA C 279 10.52 -29.52 -28.40
N ASN C 287 15.72 -25.22 -28.91
CA ASN C 287 15.48 -26.52 -29.52
C ASN C 287 15.51 -26.45 -31.04
N ARG C 288 15.25 -27.60 -31.66
CA ARG C 288 15.34 -27.80 -33.10
C ARG C 288 14.06 -28.35 -33.72
N ILE C 289 12.99 -28.44 -32.94
CA ILE C 289 11.67 -28.72 -33.44
C ILE C 289 10.68 -27.70 -32.84
N LEU C 290 9.72 -27.29 -33.64
CA LEU C 290 8.71 -26.32 -33.21
C LEU C 290 7.30 -26.92 -33.18
N ARG C 291 6.50 -26.50 -32.20
CA ARG C 291 5.09 -26.86 -32.17
C ARG C 291 4.22 -25.60 -32.03
N ASP C 292 3.07 -25.67 -32.66
CA ASP C 292 2.02 -24.64 -32.57
C ASP C 292 0.90 -25.12 -31.65
N VAL C 293 0.67 -24.40 -30.57
CA VAL C 293 -0.27 -24.75 -29.53
C VAL C 293 -1.38 -23.70 -29.35
N LYS C 294 -2.62 -24.16 -29.32
CA LYS C 294 -3.74 -23.26 -29.10
C LYS C 294 -3.73 -22.77 -27.65
N VAL C 295 -3.97 -21.45 -27.49
CA VAL C 295 -3.98 -20.80 -26.19
C VAL C 295 -5.42 -20.39 -25.92
N ASP C 296 -5.99 -20.97 -24.87
CA ASP C 296 -7.37 -20.56 -24.50
C ASP C 296 -7.31 -19.60 -23.32
N PHE C 297 -8.39 -18.84 -23.12
CA PHE C 297 -8.48 -17.72 -22.21
C PHE C 297 -9.96 -17.38 -21.96
N GLU C 298 -10.27 -16.76 -20.82
CA GLU C 298 -11.66 -16.42 -20.56
C GLU C 298 -12.04 -15.21 -21.41
N SER C 299 -13.32 -15.14 -21.74
CA SER C 299 -13.89 -14.01 -22.46
C SER C 299 -14.09 -12.86 -21.49
N VAL C 300 -14.01 -11.64 -22.01
CA VAL C 300 -14.26 -10.40 -21.31
C VAL C 300 -15.17 -9.55 -22.19
N ASP C 301 -16.24 -9.07 -21.61
CA ASP C 301 -17.20 -8.16 -22.24
C ASP C 301 -16.54 -6.77 -22.34
N HIS C 302 -15.78 -6.59 -23.40
CA HIS C 302 -14.87 -5.44 -23.56
C HIS C 302 -15.60 -4.12 -23.46
N LEU C 303 -16.82 -4.05 -24.00
CA LEU C 303 -17.51 -2.74 -24.00
C LEU C 303 -18.13 -2.49 -22.65
N ARG C 304 -18.71 -3.53 -22.03
CA ARG C 304 -19.30 -3.40 -20.71
C ARG C 304 -18.27 -3.06 -19.64
N VAL C 305 -17.15 -3.80 -19.63
CA VAL C 305 -16.17 -3.58 -18.56
C VAL C 305 -15.54 -2.20 -18.66
N GLU C 306 -15.41 -1.62 -19.84
CA GLU C 306 -14.75 -0.31 -19.90
C GLU C 306 -15.59 0.80 -19.29
N VAL C 307 -16.91 0.76 -19.49
CA VAL C 307 -17.82 1.71 -18.84
C VAL C 307 -17.88 1.46 -17.34
N GLU C 308 -17.94 0.20 -16.91
CA GLU C 308 -17.95 -0.19 -15.52
C GLU C 308 -16.72 0.28 -14.73
N GLU C 309 -15.58 0.36 -15.42
CA GLU C 309 -14.35 0.80 -14.79
C GLU C 309 -14.50 2.26 -14.36
N VAL C 310 -15.20 3.05 -15.18
CA VAL C 310 -15.34 4.47 -14.80
C VAL C 310 -16.18 4.56 -13.51
N ALA C 311 -17.27 3.79 -13.48
CA ALA C 311 -18.15 3.70 -12.34
C ALA C 311 -17.38 3.21 -11.10
N ASP C 312 -16.53 2.21 -11.31
CA ASP C 312 -15.71 1.72 -10.20
C ASP C 312 -14.82 2.82 -9.66
N VAL C 313 -14.15 3.59 -10.54
CA VAL C 313 -13.34 4.68 -10.02
C VAL C 313 -14.14 5.87 -9.51
N ILE C 314 -15.37 6.08 -9.95
CA ILE C 314 -16.17 7.15 -9.34
C ILE C 314 -16.55 6.75 -7.92
N ARG C 315 -16.94 5.49 -7.71
CA ARG C 315 -17.42 5.06 -6.40
C ARG C 315 -16.27 4.76 -5.44
N ASN C 316 -15.17 4.22 -5.93
CA ASN C 316 -14.14 3.65 -5.08
C ASN C 316 -12.81 4.40 -5.16
N GLY C 317 -12.70 5.37 -6.05
CA GLY C 317 -11.49 6.14 -6.22
C GLY C 317 -10.52 5.52 -7.21
N GLY C 318 -9.45 6.24 -7.53
CA GLY C 318 -8.46 5.75 -8.46
C GLY C 318 -8.61 6.35 -9.85
N GLU C 319 -7.85 5.82 -10.79
CA GLU C 319 -7.72 6.30 -12.15
C GLU C 319 -8.17 5.20 -13.10
N THR C 320 -8.75 5.60 -14.21
CA THR C 320 -9.09 4.62 -15.25
C THR C 320 -7.84 4.20 -16.01
N GLU C 321 -7.94 3.21 -16.90
CA GLU C 321 -6.71 2.69 -17.51
C GLU C 321 -6.18 3.58 -18.62
N ILE C 322 -7.03 4.40 -19.25
CA ILE C 322 -6.63 5.15 -20.41
C ILE C 322 -7.10 6.61 -20.29
N GLY C 323 -6.24 7.40 -19.70
CA GLY C 323 -6.47 8.83 -19.50
C GLY C 323 -6.22 9.63 -20.76
N ALA C 324 -6.37 10.96 -20.59
CA ALA C 324 -6.22 11.94 -21.65
C ALA C 324 -4.81 11.92 -22.24
N GLU C 325 -3.81 11.74 -21.39
CA GLU C 325 -2.43 11.73 -21.85
C GLU C 325 -2.15 10.53 -22.75
N ALA C 326 -2.51 9.36 -22.24
CA ALA C 326 -2.36 8.08 -22.91
C ALA C 326 -3.12 8.13 -24.24
N SER C 327 -4.35 8.62 -24.20
CA SER C 327 -5.14 8.69 -25.45
C SER C 327 -4.47 9.60 -26.46
N LEU C 328 -3.96 10.72 -25.94
CA LEU C 328 -3.26 11.72 -26.76
C LEU C 328 -2.06 11.01 -27.39
N ARG C 329 -1.38 10.13 -26.66
CA ARG C 329 -0.21 9.47 -27.25
CA ARG C 329 -0.22 9.46 -27.24
C ARG C 329 -0.63 8.58 -28.43
N ASN C 330 -1.82 8.01 -28.33
CA ASN C 330 -2.31 7.19 -29.46
C ASN C 330 -2.58 8.06 -30.68
N LEU C 331 -3.21 9.21 -30.49
CA LEU C 331 -3.46 10.13 -31.61
C LEU C 331 -2.15 10.63 -32.24
N ALA C 332 -1.19 10.90 -31.38
CA ALA C 332 0.13 11.39 -31.79
C ALA C 332 0.82 10.41 -32.75
N VAL C 333 0.64 9.12 -32.55
CA VAL C 333 1.16 8.14 -33.52
C VAL C 333 0.54 8.38 -34.88
N VAL C 334 -0.79 8.57 -34.91
CA VAL C 334 -1.49 8.80 -36.17
C VAL C 334 -0.98 10.09 -36.79
N LEU C 335 -0.82 11.16 -36.00
CA LEU C 335 -0.40 12.43 -36.60
C LEU C 335 1.04 12.33 -37.10
N ALA C 336 1.85 11.58 -36.37
CA ALA C 336 3.27 11.46 -36.78
C ALA C 336 3.36 10.70 -38.09
N ALA C 337 2.50 9.68 -38.22
CA ALA C 337 2.44 8.89 -39.45
C ALA C 337 1.97 9.69 -40.65
N VAL C 338 0.97 10.54 -40.49
CA VAL C 338 0.60 11.45 -41.59
C VAL C 338 1.70 12.44 -41.92
N LYS C 339 2.37 12.97 -40.89
CA LYS C 339 3.47 13.91 -41.06
C LYS C 339 4.60 13.18 -41.84
N SER C 340 4.74 11.90 -41.51
CA SER C 340 5.83 11.10 -42.11
C SER C 340 5.62 10.97 -43.61
N VAL C 341 4.36 10.84 -44.02
CA VAL C 341 4.00 10.72 -45.42
C VAL C 341 4.22 12.05 -46.14
N HIS C 342 3.74 13.16 -45.59
CA HIS C 342 3.98 14.45 -46.23
C HIS C 342 5.44 14.81 -46.40
N GLU C 343 6.24 14.58 -45.36
CA GLU C 343 7.61 15.03 -45.24
C GLU C 343 8.62 13.97 -45.66
N LYS C 344 8.14 12.80 -46.02
CA LYS C 344 8.91 11.67 -46.49
C LYS C 344 10.10 11.37 -45.58
N ARG C 345 9.82 11.17 -44.30
CA ARG C 345 10.85 11.03 -43.29
C ARG C 345 10.27 10.43 -42.03
N PRO C 346 11.09 9.78 -41.21
CA PRO C 346 10.64 9.35 -39.89
C PRO C 346 10.39 10.57 -38.98
N VAL C 347 9.46 10.41 -38.06
CA VAL C 347 8.97 11.51 -37.24
C VAL C 347 8.96 11.08 -35.79
N GLU C 348 9.60 11.88 -34.94
CA GLU C 348 9.65 11.62 -33.51
C GLU C 348 8.26 11.96 -32.95
N ILE C 349 7.77 11.14 -32.02
CA ILE C 349 6.51 11.48 -31.37
C ILE C 349 6.65 12.77 -30.59
N ALA C 350 7.86 13.08 -30.09
CA ALA C 350 8.02 14.32 -29.34
C ALA C 350 7.74 15.56 -30.18
N GLU C 351 7.99 15.45 -31.47
CA GLU C 351 7.81 16.52 -32.45
C GLU C 351 6.35 16.94 -32.53
N ILE C 352 5.48 15.98 -32.20
CA ILE C 352 4.04 16.17 -32.30
C ILE C 352 3.59 16.71 -30.94
N ILE C 353 3.96 16.00 -29.90
CA ILE C 353 3.43 16.14 -28.55
C ILE C 353 4.06 17.35 -27.87
N GLY C 354 5.38 17.45 -28.03
CA GLY C 354 6.24 18.42 -27.38
C GLY C 354 7.54 17.66 -27.07
#